data_3UPY
#
_entry.id   3UPY
#
_cell.length_a   49.391
_cell.length_b   63.379
_cell.length_c   79.334
_cell.angle_alpha   68.790
_cell.angle_beta   75.540
_cell.angle_gamma   72.070
#
_symmetry.space_group_name_H-M   'P 1'
#
loop_
_entity.id
_entity.type
_entity.pdbx_description
1 polymer Oxidoreductase
2 non-polymer 'MAGNESIUM ION'
3 non-polymer '3-[FORMYL(HYDROXY)AMINO]PROPYLPHOSPHONIC ACID'
4 water water
#
_entity_poly.entity_id   1
_entity_poly.type   'polypeptide(L)'
_entity_poly.pdbx_seq_one_letter_code
;MTTNVALVGLARDLAARAETGKPIRIGLIGAGEMGTDIVTQVARMQGIEVGALSARRLPNTFKAIRTAYGDEENAREATT
ESAMTRAIEAGKIAVTDDNDLILSNPLIDVIIDATGIPEVGAETGIAAIRNGKHLVMMNVEADVTIGPYLKAQADKQGVI
YSLGAGDEPSSCMELIEFVSALGYEVVSAGKGKNNPLNFDATPDDYRQEADRRNMNVRLLVEFIDGSKTMVEMAAIANAT
GLVPDIAGMHGPRASIDQLSHTLIPQAEGGVLSKSGVVDYSIGKGVSPGVFVVAKMDHPRLNERLEDLKIGKGPYFTFHR
PYHLTSLEVPLTVARVVLHGKTDMVPLPKPVAEVCAVAKKDMQPGEHLDAIGQYCYRSWIMTVPEARAAKAIPCGLLQNG
TVIAPIKKGELITYANAAPQPGSRIAELRALQDAMLGLEHHHHHH
;
_entity_poly.pdbx_strand_id   A,B
#
# COMPACT_ATOMS: atom_id res chain seq x y z
N THR A 2 -17.51 7.53 12.80
CA THR A 2 -16.96 6.21 13.09
C THR A 2 -15.44 6.15 12.96
N THR A 3 -14.85 6.71 11.89
CA THR A 3 -13.42 6.44 11.63
C THR A 3 -12.46 7.19 12.56
N ASN A 4 -12.93 8.29 13.16
CA ASN A 4 -12.10 9.21 13.95
C ASN A 4 -11.20 10.07 13.06
N VAL A 5 -11.24 9.87 11.73
CA VAL A 5 -10.31 10.68 10.87
C VAL A 5 -11.07 11.50 9.77
N ALA A 6 -10.46 12.61 9.38
CA ALA A 6 -10.86 13.34 8.14
C ALA A 6 -10.83 12.41 6.86
N LEU A 7 -11.76 12.69 5.92
CA LEU A 7 -11.90 11.91 4.72
C LEU A 7 -10.76 12.27 3.75
N VAL A 8 -9.98 11.29 3.33
CA VAL A 8 -8.89 11.46 2.36
C VAL A 8 -8.93 10.36 1.28
N GLY A 9 -8.27 10.62 0.15
CA GLY A 9 -8.16 9.65 -0.93
C GLY A 9 -9.47 8.94 -1.24
N LEU A 10 -9.39 7.64 -1.34
CA LEU A 10 -10.52 6.77 -1.72
C LEU A 10 -11.73 6.89 -0.77
N ALA A 11 -11.49 7.10 0.53
CA ALA A 11 -12.57 7.35 1.47
C ALA A 11 -13.35 8.62 1.08
N ARG A 12 -12.61 9.67 0.72
CA ARG A 12 -13.27 10.92 0.37
C ARG A 12 -14.06 10.76 -0.94
N ASP A 13 -13.48 10.04 -1.89
CA ASP A 13 -14.17 9.78 -3.19
C ASP A 13 -15.51 9.03 -2.98
N LEU A 14 -15.46 8.05 -2.09
CA LEU A 14 -16.65 7.25 -1.72
C LEU A 14 -17.71 8.13 -0.99
N ALA A 15 -17.28 9.02 -0.12
CA ALA A 15 -18.19 9.98 0.50
C ALA A 15 -18.87 10.95 -0.54
N ALA A 16 -18.09 11.41 -1.53
CA ALA A 16 -18.60 12.25 -2.63
C ALA A 16 -19.58 11.47 -3.48
N ARG A 17 -19.29 10.21 -3.74
CA ARG A 17 -20.27 9.41 -4.47
C ARG A 17 -21.59 9.30 -3.71
N ALA A 18 -21.52 9.08 -2.40
CA ALA A 18 -22.73 8.99 -1.60
C ALA A 18 -23.54 10.29 -1.64
N GLU A 19 -22.86 11.40 -1.64
CA GLU A 19 -23.50 12.68 -1.70
C GLU A 19 -24.34 12.89 -3.00
N THR A 20 -24.00 12.22 -4.12
CA THR A 20 -24.79 12.26 -5.38
C THR A 20 -26.20 11.65 -5.20
N GLY A 21 -26.43 10.92 -4.12
CA GLY A 21 -27.66 10.15 -3.92
C GLY A 21 -27.76 8.84 -4.67
N LYS A 22 -26.75 8.50 -5.49
CA LYS A 22 -26.77 7.25 -6.24
C LYS A 22 -25.49 6.41 -5.96
N PRO A 23 -25.55 5.43 -5.01
CA PRO A 23 -24.38 4.59 -4.71
C PRO A 23 -24.00 3.70 -5.86
N ILE A 24 -22.74 3.27 -5.83
CA ILE A 24 -22.27 2.19 -6.69
C ILE A 24 -23.03 0.96 -6.25
N ARG A 25 -23.63 0.23 -7.20
CA ARG A 25 -24.47 -0.93 -6.86
C ARG A 25 -23.85 -2.25 -7.32
N ILE A 26 -23.59 -3.13 -6.36
CA ILE A 26 -22.99 -4.45 -6.67
C ILE A 26 -24.10 -5.48 -6.86
N GLY A 27 -23.95 -6.32 -7.87
CA GLY A 27 -24.77 -7.56 -7.96
C GLY A 27 -23.91 -8.70 -7.48
N LEU A 28 -24.31 -9.34 -6.38
CA LEU A 28 -23.47 -10.31 -5.72
C LEU A 28 -24.05 -11.70 -5.92
N ILE A 29 -23.26 -12.57 -6.57
CA ILE A 29 -23.70 -13.92 -6.92
C ILE A 29 -23.00 -14.89 -5.92
N GLY A 30 -23.79 -15.45 -5.02
CA GLY A 30 -23.31 -16.41 -4.02
C GLY A 30 -23.43 -15.83 -2.61
N ALA A 31 -24.13 -16.59 -1.74
CA ALA A 31 -24.46 -16.15 -0.39
C ALA A 31 -23.75 -16.96 0.71
N GLY A 32 -22.66 -17.63 0.38
CA GLY A 32 -21.92 -18.39 1.39
C GLY A 32 -21.07 -17.46 2.23
N GLU A 33 -19.93 -17.96 2.64
CA GLU A 33 -19.09 -17.24 3.60
C GLU A 33 -18.52 -15.95 3.02
N MET A 34 -17.98 -16.02 1.78
CA MET A 34 -17.40 -14.84 1.13
CA MET A 34 -17.35 -14.81 1.24
C MET A 34 -18.45 -13.80 0.85
N GLY A 35 -19.56 -14.26 0.31
CA GLY A 35 -20.69 -13.39 0.05
C GLY A 35 -21.23 -12.71 1.28
N THR A 36 -21.35 -13.49 2.36
CA THR A 36 -21.88 -12.95 3.62
C THR A 36 -20.92 -11.88 4.16
N ASP A 37 -19.63 -12.13 4.02
CA ASP A 37 -18.60 -11.12 4.38
C ASP A 37 -18.75 -9.82 3.62
N ILE A 38 -18.97 -9.91 2.30
CA ILE A 38 -19.12 -8.72 1.46
C ILE A 38 -20.39 -7.89 1.89
N VAL A 39 -21.55 -8.51 2.06
CA VAL A 39 -22.74 -7.78 2.57
C VAL A 39 -22.42 -7.01 3.85
N THR A 40 -21.68 -7.65 4.77
CA THR A 40 -21.34 -7.10 6.09
C THR A 40 -20.38 -5.95 5.91
N GLN A 41 -19.35 -6.17 5.08
CA GLN A 41 -18.38 -5.09 4.86
C GLN A 41 -18.97 -3.84 4.20
N VAL A 42 -19.80 -4.04 3.17
CA VAL A 42 -20.42 -2.91 2.46
C VAL A 42 -21.33 -2.10 3.39
N ALA A 43 -21.93 -2.77 4.35
CA ALA A 43 -22.88 -2.07 5.24
C ALA A 43 -22.18 -0.99 6.09
N ARG A 44 -20.87 -1.03 6.16
CA ARG A 44 -20.21 0.07 6.88
C ARG A 44 -19.43 1.08 6.06
N MET A 45 -19.61 1.01 4.74
CA MET A 45 -18.87 1.87 3.82
C MET A 45 -19.86 2.90 3.32
N GLN A 46 -19.33 3.99 2.80
CA GLN A 46 -20.17 4.98 2.13
C GLN A 46 -20.11 4.82 0.65
N GLY A 47 -21.23 5.13 -0.02
CA GLY A 47 -21.26 5.25 -1.49
C GLY A 47 -21.33 3.99 -2.32
N ILE A 48 -21.43 2.85 -1.65
CA ILE A 48 -21.35 1.55 -2.29
C ILE A 48 -22.42 0.69 -1.54
N GLU A 49 -23.21 -0.06 -2.31
CA GLU A 49 -24.27 -0.88 -1.78
C GLU A 49 -24.34 -2.19 -2.53
N VAL A 50 -24.84 -3.21 -1.86
CA VAL A 50 -25.25 -4.42 -2.57
C VAL A 50 -26.70 -4.22 -3.05
N GLY A 51 -26.92 -4.10 -4.37
CA GLY A 51 -28.28 -3.97 -4.90
C GLY A 51 -29.10 -5.25 -4.90
N ALA A 52 -28.44 -6.37 -5.19
CA ALA A 52 -29.13 -7.68 -5.30
C ALA A 52 -28.13 -8.81 -4.93
N LEU A 53 -28.65 -9.90 -4.39
CA LEU A 53 -27.92 -11.07 -3.90
C LEU A 53 -28.67 -12.30 -4.38
N SER A 54 -27.94 -13.20 -5.03
CA SER A 54 -28.47 -14.50 -5.44
C SER A 54 -27.76 -15.67 -4.79
N ALA A 55 -28.47 -16.78 -4.68
CA ALA A 55 -27.87 -18.04 -4.25
C ALA A 55 -28.69 -19.11 -4.92
N ARG A 56 -28.14 -20.30 -4.96
CA ARG A 56 -28.84 -21.47 -5.53
C ARG A 56 -30.13 -21.83 -4.75
N ARG A 57 -30.06 -21.72 -3.43
CA ARG A 57 -31.28 -21.85 -2.63
C ARG A 57 -31.64 -20.54 -1.88
N LEU A 58 -32.84 -20.02 -2.14
CA LEU A 58 -33.31 -18.70 -1.70
C LEU A 58 -33.08 -18.47 -0.21
N PRO A 59 -33.39 -19.45 0.68
CA PRO A 59 -33.10 -19.24 2.11
C PRO A 59 -31.73 -18.73 2.46
N ASN A 60 -30.70 -19.12 1.71
CA ASN A 60 -29.37 -18.65 2.00
C ASN A 60 -29.17 -17.15 1.84
N THR A 61 -29.97 -16.52 0.98
CA THR A 61 -29.85 -15.05 0.80
C THR A 61 -30.32 -14.33 2.06
N PHE A 62 -31.47 -14.76 2.58
CA PHE A 62 -32.02 -14.23 3.80
C PHE A 62 -31.04 -14.50 4.95
N LYS A 63 -30.38 -15.66 4.95
CA LYS A 63 -29.41 -15.99 6.02
C LYS A 63 -28.24 -15.04 5.99
N ALA A 64 -27.69 -14.77 4.81
CA ALA A 64 -26.55 -13.86 4.68
C ALA A 64 -26.90 -12.49 5.22
N ILE A 65 -28.08 -12.01 4.84
CA ILE A 65 -28.52 -10.69 5.23
C ILE A 65 -28.79 -10.63 6.74
N ARG A 66 -29.38 -11.67 7.32
CA ARG A 66 -29.59 -11.64 8.77
C ARG A 66 -28.23 -11.59 9.52
N THR A 67 -27.21 -12.26 8.99
CA THR A 67 -25.88 -12.36 9.69
C THR A 67 -25.23 -10.98 9.65
N ALA A 68 -25.44 -10.27 8.54
CA ALA A 68 -24.90 -8.90 8.33
C ALA A 68 -25.59 -7.84 9.20
N TYR A 69 -26.93 -7.85 9.24
CA TYR A 69 -27.69 -6.82 9.90
C TYR A 69 -28.32 -7.17 11.22
N GLY A 70 -28.37 -8.47 11.53
CA GLY A 70 -29.11 -8.90 12.73
C GLY A 70 -30.55 -9.28 12.47
N ASP A 71 -31.13 -8.85 11.37
CA ASP A 71 -32.49 -9.28 11.02
C ASP A 71 -32.61 -9.29 9.48
N GLU A 72 -33.75 -9.74 8.97
CA GLU A 72 -33.97 -9.86 7.51
C GLU A 72 -34.74 -8.71 6.87
N GLU A 73 -34.88 -7.61 7.59
CA GLU A 73 -35.71 -6.53 7.12
C GLU A 73 -35.24 -5.86 5.85
N ASN A 74 -33.93 -5.82 5.60
CA ASN A 74 -33.41 -5.29 4.34
C ASN A 74 -33.63 -6.13 3.06
N ALA A 75 -34.04 -7.40 3.23
CA ALA A 75 -34.19 -8.32 2.12
C ALA A 75 -35.58 -8.25 1.51
N ARG A 76 -35.66 -8.29 0.19
CA ARG A 76 -36.97 -8.35 -0.46
C ARG A 76 -36.84 -9.29 -1.68
N GLU A 77 -37.58 -10.39 -1.70
CA GLU A 77 -37.60 -11.33 -2.86
C GLU A 77 -38.14 -10.60 -4.12
N ALA A 78 -37.46 -10.82 -5.25
CA ALA A 78 -37.85 -10.31 -6.57
C ALA A 78 -37.77 -11.46 -7.55
N THR A 79 -38.83 -11.65 -8.32
CA THR A 79 -38.88 -12.71 -9.34
C THR A 79 -38.93 -12.16 -10.80
N THR A 80 -38.96 -10.84 -10.94
CA THR A 80 -38.99 -10.17 -12.26
C THR A 80 -38.10 -8.92 -12.22
N GLU A 81 -37.77 -8.37 -13.39
CA GLU A 81 -36.91 -7.19 -13.42
C GLU A 81 -37.59 -5.99 -12.76
N SER A 82 -38.88 -5.84 -13.03
CA SER A 82 -39.64 -4.74 -12.48
C SER A 82 -39.65 -4.79 -10.94
N ALA A 83 -39.81 -6.00 -10.40
CA ALA A 83 -39.79 -6.24 -8.96
C ALA A 83 -38.40 -5.96 -8.34
N MET A 84 -37.37 -6.44 -9.01
CA MET A 84 -36.01 -6.17 -8.58
C MET A 84 -35.63 -4.67 -8.55
N THR A 85 -35.93 -3.96 -9.65
CA THR A 85 -35.63 -2.53 -9.73
C THR A 85 -36.45 -1.76 -8.69
N ARG A 86 -37.70 -2.17 -8.47
CA ARG A 86 -38.56 -1.58 -7.42
C ARG A 86 -37.92 -1.75 -6.05
N ALA A 87 -37.47 -2.96 -5.79
CA ALA A 87 -36.86 -3.25 -4.50
C ALA A 87 -35.60 -2.42 -4.24
N ILE A 88 -34.74 -2.30 -5.25
CA ILE A 88 -33.48 -1.56 -5.13
C ILE A 88 -33.75 -0.08 -4.85
N GLU A 89 -34.70 0.49 -5.60
CA GLU A 89 -35.07 1.89 -5.47
C GLU A 89 -35.76 2.13 -4.15
N ALA A 90 -36.48 1.14 -3.63
CA ALA A 90 -36.94 1.21 -2.25
C ALA A 90 -35.86 1.01 -1.16
N GLY A 91 -34.58 0.92 -1.53
CA GLY A 91 -33.44 0.74 -0.59
C GLY A 91 -33.33 -0.65 0.04
N LYS A 92 -33.86 -1.66 -0.64
CA LYS A 92 -33.81 -3.02 -0.17
C LYS A 92 -32.71 -3.71 -0.94
N ILE A 93 -32.27 -4.87 -0.41
CA ILE A 93 -31.40 -5.74 -1.15
C ILE A 93 -32.32 -6.74 -1.82
N ALA A 94 -32.40 -6.71 -3.14
CA ALA A 94 -33.29 -7.65 -3.82
C ALA A 94 -32.66 -9.05 -3.82
N VAL A 95 -33.47 -10.05 -3.43
CA VAL A 95 -32.95 -11.42 -3.36
C VAL A 95 -33.67 -12.33 -4.30
N THR A 96 -32.91 -13.26 -4.87
CA THR A 96 -33.42 -14.14 -5.89
C THR A 96 -32.56 -15.37 -5.96
N ASP A 97 -33.11 -16.45 -6.57
CA ASP A 97 -32.30 -17.61 -6.85
C ASP A 97 -32.09 -17.70 -8.36
N ASP A 98 -32.33 -16.61 -9.09
CA ASP A 98 -32.10 -16.61 -10.54
C ASP A 98 -31.01 -15.60 -10.84
N ASN A 99 -29.79 -16.10 -11.10
CA ASN A 99 -28.60 -15.21 -11.36
C ASN A 99 -28.85 -14.27 -12.55
N ASP A 100 -29.67 -14.68 -13.52
CA ASP A 100 -29.86 -13.85 -14.71
C ASP A 100 -30.58 -12.54 -14.39
N LEU A 101 -31.42 -12.50 -13.35
CA LEU A 101 -32.12 -11.28 -13.00
C LEU A 101 -31.11 -10.23 -12.53
N ILE A 102 -30.06 -10.70 -11.87
CA ILE A 102 -29.02 -9.80 -11.36
C ILE A 102 -28.14 -9.36 -12.50
N LEU A 103 -27.67 -10.36 -13.27
CA LEU A 103 -26.75 -10.12 -14.38
C LEU A 103 -27.31 -9.15 -15.46
N SER A 104 -28.62 -9.17 -15.64
CA SER A 104 -29.31 -8.25 -16.59
C SER A 104 -30.00 -6.97 -16.03
N ASN A 105 -29.89 -6.69 -14.73
CA ASN A 105 -30.63 -5.56 -14.16
C ASN A 105 -29.93 -4.25 -14.51
N PRO A 106 -30.69 -3.25 -15.02
CA PRO A 106 -30.05 -1.99 -15.44
C PRO A 106 -29.43 -1.18 -14.31
N LEU A 107 -29.87 -1.38 -13.04
CA LEU A 107 -29.28 -0.60 -11.92
C LEU A 107 -27.95 -1.18 -11.35
N ILE A 108 -27.60 -2.40 -11.72
CA ILE A 108 -26.36 -3.06 -11.24
C ILE A 108 -25.14 -2.58 -12.04
N ASP A 109 -24.13 -2.07 -11.33
CA ASP A 109 -22.95 -1.55 -11.96
C ASP A 109 -21.84 -2.60 -12.18
N VAL A 110 -21.65 -3.47 -11.22
CA VAL A 110 -20.52 -4.42 -11.13
C VAL A 110 -21.03 -5.75 -10.55
N ILE A 111 -20.57 -6.82 -11.14
CA ILE A 111 -20.89 -8.18 -10.72
C ILE A 111 -19.72 -8.73 -9.92
N ILE A 112 -20.03 -9.34 -8.78
CA ILE A 112 -19.04 -10.13 -8.05
C ILE A 112 -19.55 -11.56 -7.93
N ASP A 113 -18.80 -12.55 -8.45
CA ASP A 113 -19.16 -13.96 -8.18
CA ASP A 113 -19.07 -13.97 -8.25
C ASP A 113 -18.36 -14.45 -6.95
N ALA A 114 -19.10 -14.86 -5.94
CA ALA A 114 -18.53 -15.28 -4.64
C ALA A 114 -19.00 -16.72 -4.31
N THR A 115 -19.52 -17.45 -5.30
CA THR A 115 -19.93 -18.85 -5.11
C THR A 115 -18.77 -19.87 -4.85
N GLY A 116 -17.53 -19.50 -5.20
CA GLY A 116 -16.35 -20.47 -5.12
C GLY A 116 -16.41 -21.66 -6.08
N ILE A 117 -17.36 -21.63 -7.02
CA ILE A 117 -17.51 -22.71 -7.99
C ILE A 117 -16.91 -22.21 -9.37
N PRO A 118 -15.82 -22.82 -9.86
CA PRO A 118 -15.07 -22.32 -11.03
C PRO A 118 -15.89 -22.35 -12.32
N GLU A 119 -16.62 -23.44 -12.51
CA GLU A 119 -17.52 -23.60 -13.65
C GLU A 119 -18.50 -22.47 -13.55
N VAL A 120 -19.00 -22.20 -12.32
CA VAL A 120 -19.92 -21.09 -12.15
C VAL A 120 -19.25 -19.75 -12.29
N GLY A 121 -18.01 -19.63 -11.88
CA GLY A 121 -17.30 -18.37 -12.11
C GLY A 121 -17.14 -18.09 -13.61
N ALA A 122 -16.85 -19.13 -14.38
CA ALA A 122 -16.84 -19.09 -15.86
C ALA A 122 -18.20 -18.68 -16.45
N GLU A 123 -19.26 -19.34 -16.07
CA GLU A 123 -20.61 -19.05 -16.57
C GLU A 123 -21.07 -17.59 -16.26
N THR A 124 -21.00 -17.19 -15.00
CA THR A 124 -21.48 -15.90 -14.61
C THR A 124 -20.53 -14.77 -15.14
N GLY A 125 -19.24 -15.07 -15.26
CA GLY A 125 -18.25 -14.08 -15.69
C GLY A 125 -18.53 -13.66 -17.11
N ILE A 126 -18.66 -14.64 -18.01
CA ILE A 126 -18.96 -14.32 -19.41
C ILE A 126 -20.35 -13.67 -19.56
N ALA A 127 -21.33 -14.09 -18.78
CA ALA A 127 -22.64 -13.48 -18.85
C ALA A 127 -22.60 -11.99 -18.37
N ALA A 128 -21.82 -11.70 -17.30
CA ALA A 128 -21.70 -10.34 -16.76
C ALA A 128 -21.16 -9.43 -17.89
N ILE A 129 -20.07 -9.87 -18.51
CA ILE A 129 -19.49 -9.15 -19.65
C ILE A 129 -20.47 -8.96 -20.85
N ARG A 130 -21.16 -10.02 -21.27
CA ARG A 130 -22.21 -9.93 -22.34
C ARG A 130 -23.29 -8.90 -22.01
N ASN A 131 -23.63 -8.77 -20.75
CA ASN A 131 -24.65 -7.82 -20.30
C ASN A 131 -24.12 -6.39 -20.08
N GLY A 132 -22.84 -6.15 -20.39
CA GLY A 132 -22.28 -4.79 -20.28
C GLY A 132 -21.94 -4.37 -18.87
N LYS A 133 -21.69 -5.32 -17.98
CA LYS A 133 -21.29 -5.02 -16.57
C LYS A 133 -19.79 -5.30 -16.32
N HIS A 134 -19.19 -4.44 -15.51
CA HIS A 134 -17.87 -4.71 -14.96
C HIS A 134 -17.93 -5.98 -14.16
N LEU A 135 -16.79 -6.63 -14.06
CA LEU A 135 -16.68 -7.95 -13.48
C LEU A 135 -15.48 -8.06 -12.53
N VAL A 136 -15.77 -8.22 -11.26
CA VAL A 136 -14.78 -8.46 -10.24
C VAL A 136 -14.80 -9.94 -9.87
N MET A 137 -13.72 -10.62 -10.20
CA MET A 137 -13.53 -12.09 -10.04
C MET A 137 -12.88 -12.42 -8.72
N MET A 138 -13.54 -13.21 -7.89
CA MET A 138 -12.90 -13.77 -6.69
C MET A 138 -12.43 -15.24 -6.90
N ASN A 139 -12.94 -15.89 -7.94
CA ASN A 139 -12.62 -17.30 -8.22
C ASN A 139 -11.28 -17.36 -8.95
N VAL A 140 -10.20 -17.40 -8.17
CA VAL A 140 -8.85 -17.46 -8.76
C VAL A 140 -8.63 -18.74 -9.57
N GLU A 141 -9.29 -19.85 -9.19
CA GLU A 141 -9.20 -21.09 -9.96
C GLU A 141 -9.72 -20.93 -11.41
N ALA A 142 -10.80 -20.15 -11.54
CA ALA A 142 -11.34 -19.83 -12.88
C ALA A 142 -10.43 -18.77 -13.56
N ASP A 143 -9.98 -17.74 -12.87
CA ASP A 143 -9.11 -16.73 -13.48
C ASP A 143 -7.86 -17.35 -14.11
N VAL A 144 -7.21 -18.29 -13.42
CA VAL A 144 -5.94 -18.87 -14.00
C VAL A 144 -6.15 -19.88 -15.16
N THR A 145 -7.41 -20.26 -15.39
CA THR A 145 -7.79 -21.12 -16.45
C THR A 145 -8.25 -20.34 -17.68
N ILE A 146 -9.15 -19.36 -17.49
CA ILE A 146 -9.79 -18.67 -18.62
C ILE A 146 -9.73 -17.12 -18.49
N GLY A 147 -8.88 -16.63 -17.57
CA GLY A 147 -8.73 -15.16 -17.31
C GLY A 147 -8.40 -14.34 -18.58
N PRO A 148 -7.41 -14.78 -19.37
CA PRO A 148 -7.08 -14.06 -20.59
C PRO A 148 -8.25 -13.88 -21.53
N TYR A 149 -9.07 -14.94 -21.66
CA TYR A 149 -10.25 -14.86 -22.45
C TYR A 149 -11.28 -13.87 -21.92
N LEU A 150 -11.56 -13.93 -20.63
CA LEU A 150 -12.47 -13.00 -20.03
C LEU A 150 -12.04 -11.53 -20.18
N LYS A 151 -10.78 -11.28 -19.98
CA LYS A 151 -10.20 -9.93 -20.11
C LYS A 151 -10.38 -9.40 -21.54
N ALA A 152 -10.10 -10.24 -22.54
CA ALA A 152 -10.27 -9.83 -23.93
C ALA A 152 -11.71 -9.53 -24.26
N GLN A 153 -12.64 -10.36 -23.75
CA GLN A 153 -14.05 -10.12 -23.98
C GLN A 153 -14.53 -8.81 -23.27
N ALA A 154 -13.99 -8.54 -22.10
CA ALA A 154 -14.31 -7.31 -21.33
C ALA A 154 -13.88 -6.07 -22.18
N ASP A 155 -12.67 -6.15 -22.75
CA ASP A 155 -12.16 -5.06 -23.59
C ASP A 155 -13.07 -4.78 -24.80
N LYS A 156 -13.54 -5.82 -25.48
CA LYS A 156 -14.49 -5.70 -26.61
C LYS A 156 -15.83 -4.97 -26.23
N GLN A 157 -16.33 -5.18 -25.02
CA GLN A 157 -17.56 -4.60 -24.50
C GLN A 157 -17.37 -3.27 -23.80
N GLY A 158 -16.15 -2.81 -23.69
CA GLY A 158 -15.88 -1.57 -22.94
C GLY A 158 -16.05 -1.61 -21.43
N VAL A 159 -15.96 -2.81 -20.81
CA VAL A 159 -16.03 -2.93 -19.38
C VAL A 159 -14.67 -3.38 -18.78
N ILE A 160 -14.57 -3.24 -17.48
CA ILE A 160 -13.38 -3.62 -16.73
C ILE A 160 -13.46 -5.01 -16.07
N TYR A 161 -12.37 -5.75 -16.19
CA TYR A 161 -12.22 -7.08 -15.55
C TYR A 161 -11.12 -6.92 -14.50
N SER A 162 -11.35 -7.42 -13.29
CA SER A 162 -10.29 -7.44 -12.24
C SER A 162 -10.42 -8.60 -11.31
N LEU A 163 -9.27 -9.08 -10.76
CA LEU A 163 -9.35 -9.94 -9.58
C LEU A 163 -9.69 -9.00 -8.39
N GLY A 164 -10.35 -9.51 -7.39
CA GLY A 164 -10.68 -8.72 -6.21
C GLY A 164 -9.44 -8.60 -5.32
N ALA A 165 -9.23 -7.42 -4.78
CA ALA A 165 -8.27 -7.17 -3.73
C ALA A 165 -8.50 -8.02 -2.53
N GLY A 166 -7.45 -8.22 -1.71
CA GLY A 166 -7.61 -8.86 -0.41
C GLY A 166 -7.12 -10.32 -0.39
N ASP A 167 -6.92 -10.95 -1.55
CA ASP A 167 -6.36 -12.30 -1.58
C ASP A 167 -4.87 -12.17 -1.96
N GLU A 168 -4.07 -13.21 -1.69
CA GLU A 168 -2.61 -13.09 -1.83
C GLU A 168 -2.17 -12.59 -3.19
N PRO A 169 -2.80 -13.06 -4.28
CA PRO A 169 -2.25 -12.58 -5.57
C PRO A 169 -2.42 -11.09 -5.79
N SER A 170 -3.58 -10.55 -5.49
CA SER A 170 -3.81 -9.12 -5.70
C SER A 170 -3.09 -8.24 -4.66
N SER A 171 -2.96 -8.74 -3.45
CA SER A 171 -2.18 -8.06 -2.43
C SER A 171 -0.73 -7.95 -2.88
N CYS A 172 -0.22 -9.06 -3.42
CA CYS A 172 1.17 -9.09 -3.88
C CYS A 172 1.44 -8.15 -5.07
N MET A 173 0.40 -7.95 -5.93
CA MET A 173 0.51 -6.98 -7.04
C MET A 173 0.73 -5.55 -6.55
N GLU A 174 0.23 -5.22 -5.36
CA GLU A 174 0.50 -3.89 -4.76
C GLU A 174 1.97 -3.66 -4.54
N LEU A 175 2.67 -4.69 -4.05
CA LEU A 175 4.13 -4.63 -3.80
C LEU A 175 4.88 -4.60 -5.07
N ILE A 176 4.45 -5.44 -6.01
CA ILE A 176 5.09 -5.49 -7.34
C ILE A 176 5.01 -4.16 -8.08
N GLU A 177 3.85 -3.52 -8.08
CA GLU A 177 3.71 -2.19 -8.67
C GLU A 177 4.68 -1.18 -8.01
N PHE A 178 4.79 -1.20 -6.67
CA PHE A 178 5.68 -0.28 -5.95
C PHE A 178 7.16 -0.48 -6.33
N VAL A 179 7.63 -1.72 -6.25
CA VAL A 179 9.02 -2.00 -6.53
C VAL A 179 9.40 -1.66 -7.97
N SER A 180 8.51 -1.96 -8.90
CA SER A 180 8.82 -1.79 -10.28
C SER A 180 8.62 -0.36 -10.76
N ALA A 181 7.72 0.40 -10.13
CA ALA A 181 7.64 1.84 -10.45
C ALA A 181 8.92 2.55 -10.06
N LEU A 182 9.54 2.09 -8.96
CA LEU A 182 10.88 2.58 -8.53
C LEU A 182 12.06 2.11 -9.36
N GLY A 183 11.79 1.23 -10.33
CA GLY A 183 12.83 0.75 -11.25
C GLY A 183 13.69 -0.37 -10.69
N TYR A 184 13.25 -1.01 -9.60
CA TYR A 184 14.04 -2.12 -9.01
C TYR A 184 13.70 -3.47 -9.63
N GLU A 185 14.69 -4.37 -9.63
CA GLU A 185 14.56 -5.78 -10.00
C GLU A 185 13.70 -6.54 -8.98
N VAL A 186 12.67 -7.16 -9.49
CA VAL A 186 11.82 -8.14 -8.72
C VAL A 186 12.47 -9.55 -8.84
N VAL A 187 13.10 -9.99 -7.75
CA VAL A 187 13.87 -11.27 -7.76
C VAL A 187 12.92 -12.43 -7.54
N SER A 188 12.07 -12.28 -6.55
CA SER A 188 11.07 -13.30 -6.24
C SER A 188 9.91 -12.61 -5.60
N ALA A 189 8.75 -13.24 -5.66
CA ALA A 189 7.52 -12.75 -4.99
C ALA A 189 6.64 -13.96 -4.61
N GLY A 190 5.82 -13.74 -3.58
CA GLY A 190 4.89 -14.78 -3.19
C GLY A 190 4.30 -14.63 -1.79
N LYS A 191 4.00 -15.77 -1.16
CA LYS A 191 3.25 -15.81 0.09
C LYS A 191 3.96 -16.78 1.06
N GLY A 192 3.64 -16.77 2.34
CA GLY A 192 4.18 -17.82 3.26
C GLY A 192 3.19 -18.91 3.77
N LYS A 193 3.74 -20.00 4.33
CA LYS A 193 2.94 -20.97 5.13
C LYS A 193 3.68 -21.36 6.40
N ASN A 194 2.93 -21.37 7.52
CA ASN A 194 3.52 -21.62 8.82
C ASN A 194 4.21 -22.99 8.93
N ASN A 195 3.59 -24.00 8.31
CA ASN A 195 3.99 -25.41 8.49
C ASN A 195 4.10 -26.15 7.15
N PRO A 196 4.94 -27.23 7.12
CA PRO A 196 5.08 -28.00 5.87
C PRO A 196 3.72 -28.38 5.27
N LEU A 197 3.70 -28.46 3.92
CA LEU A 197 2.52 -28.89 3.18
C LEU A 197 2.33 -30.37 3.53
N ASN A 198 1.07 -30.84 3.53
CA ASN A 198 0.75 -32.30 3.50
C ASN A 198 0.01 -32.70 2.21
N PHE A 199 0.76 -33.16 1.22
CA PHE A 199 0.24 -33.47 -0.12
C PHE A 199 -0.71 -34.68 -0.10
N ASP A 200 -0.62 -35.55 0.91
CA ASP A 200 -1.52 -36.69 1.05
C ASP A 200 -2.82 -36.36 1.80
N ALA A 201 -3.02 -35.09 2.20
CA ALA A 201 -4.23 -34.70 2.98
C ALA A 201 -5.50 -34.99 2.23
N THR A 202 -6.51 -35.48 2.94
CA THR A 202 -7.82 -35.68 2.38
C THR A 202 -8.89 -35.24 3.37
N PRO A 203 -10.16 -35.21 2.92
CA PRO A 203 -11.14 -34.80 3.88
C PRO A 203 -11.27 -35.70 5.11
N ASP A 204 -10.74 -36.94 5.09
CA ASP A 204 -10.73 -37.84 6.28
C ASP A 204 -9.89 -37.31 7.43
N ASP A 205 -8.84 -36.60 7.10
CA ASP A 205 -7.96 -36.03 8.10
C ASP A 205 -8.58 -34.74 8.72
N TYR A 206 -9.50 -34.11 7.98
CA TYR A 206 -9.97 -32.75 8.34
C TYR A 206 -11.46 -32.63 8.65
N ARG A 207 -12.20 -33.71 8.51
CA ARG A 207 -13.65 -33.63 8.69
C ARG A 207 -13.97 -33.15 10.11
N GLN A 208 -13.23 -33.68 11.07
CA GLN A 208 -13.43 -33.30 12.46
C GLN A 208 -13.30 -31.80 12.68
N GLU A 209 -12.25 -31.17 12.14
CA GLU A 209 -12.03 -29.74 12.33
C GLU A 209 -13.06 -28.94 11.52
N ALA A 210 -13.28 -29.39 10.29
CA ALA A 210 -14.28 -28.70 9.45
C ALA A 210 -15.59 -28.71 10.24
N ASP A 211 -15.99 -29.86 10.79
CA ASP A 211 -17.29 -29.90 11.46
C ASP A 211 -17.39 -28.91 12.67
N ARG A 212 -16.33 -28.84 13.46
CA ARG A 212 -16.33 -28.04 14.71
C ARG A 212 -16.33 -26.51 14.37
N ARG A 213 -15.69 -26.14 13.27
CA ARG A 213 -15.61 -24.74 12.82
C ARG A 213 -16.68 -24.37 11.77
N ASN A 214 -17.63 -25.30 11.65
CA ASN A 214 -18.68 -25.30 10.61
C ASN A 214 -18.17 -25.38 9.14
N MET A 215 -16.91 -25.06 8.90
CA MET A 215 -16.42 -24.72 7.53
C MET A 215 -16.37 -25.83 6.53
N ASN A 216 -16.26 -25.44 5.25
CA ASN A 216 -16.22 -26.39 4.15
C ASN A 216 -14.92 -27.17 4.21
N VAL A 217 -15.01 -28.47 4.44
CA VAL A 217 -13.81 -29.29 4.58
C VAL A 217 -12.91 -29.16 3.32
N ARG A 218 -13.47 -28.86 2.15
CA ARG A 218 -12.64 -28.74 0.91
C ARG A 218 -11.57 -27.63 0.95
N LEU A 219 -11.94 -26.58 1.65
CA LEU A 219 -11.05 -25.44 1.91
C LEU A 219 -9.85 -25.83 2.72
N LEU A 220 -10.05 -26.61 3.77
CA LEU A 220 -8.90 -27.03 4.56
C LEU A 220 -7.99 -27.90 3.74
N VAL A 221 -8.57 -28.83 2.99
CA VAL A 221 -7.80 -29.78 2.28
C VAL A 221 -6.95 -29.06 1.20
N GLU A 222 -7.54 -28.16 0.47
CA GLU A 222 -6.83 -27.54 -0.67
C GLU A 222 -5.82 -26.50 -0.18
N PHE A 223 -6.01 -26.06 1.05
CA PHE A 223 -5.05 -25.23 1.72
C PHE A 223 -3.81 -26.15 2.11
N ILE A 224 -4.04 -27.21 2.88
CA ILE A 224 -3.02 -28.11 3.36
C ILE A 224 -2.28 -28.88 2.26
N ASP A 225 -3.00 -29.30 1.19
CA ASP A 225 -2.34 -30.09 0.13
C ASP A 225 -1.56 -29.24 -0.87
N GLY A 226 -1.57 -27.91 -0.69
CA GLY A 226 -0.81 -27.03 -1.56
C GLY A 226 -1.57 -26.40 -2.73
N SER A 227 -2.79 -26.88 -2.99
CA SER A 227 -3.49 -26.51 -4.24
C SER A 227 -3.75 -25.03 -4.32
N LYS A 228 -4.25 -24.46 -3.24
CA LYS A 228 -4.50 -23.03 -3.24
C LYS A 228 -3.22 -22.17 -3.46
N THR A 229 -2.12 -22.60 -2.87
CA THR A 229 -0.85 -21.96 -3.06
C THR A 229 -0.38 -21.99 -4.53
N MET A 230 -0.53 -23.15 -5.15
CA MET A 230 -0.16 -23.32 -6.55
C MET A 230 -0.99 -22.34 -7.47
N VAL A 231 -2.28 -22.28 -7.21
CA VAL A 231 -3.20 -21.42 -7.92
C VAL A 231 -2.88 -19.90 -7.73
N GLU A 232 -2.69 -19.52 -6.49
CA GLU A 232 -2.40 -18.10 -6.16
C GLU A 232 -1.08 -17.65 -6.78
N MET A 233 -0.05 -18.50 -6.68
CA MET A 233 1.21 -18.19 -7.32
C MET A 233 1.17 -18.16 -8.85
N ALA A 234 0.38 -19.03 -9.49
CA ALA A 234 0.13 -19.02 -10.93
C ALA A 234 -0.56 -17.68 -11.36
N ALA A 235 -1.42 -17.14 -10.51
CA ALA A 235 -2.12 -15.89 -10.86
C ALA A 235 -1.09 -14.75 -10.86
N ILE A 236 -0.20 -14.73 -9.87
CA ILE A 236 0.83 -13.70 -9.85
C ILE A 236 1.70 -13.85 -11.07
N ALA A 237 2.16 -15.05 -11.38
CA ALA A 237 3.00 -15.28 -12.56
C ALA A 237 2.33 -14.77 -13.84
N ASN A 238 1.07 -15.17 -14.01
CA ASN A 238 0.32 -14.82 -15.21
C ASN A 238 -0.08 -13.32 -15.32
N ALA A 239 0.17 -12.52 -14.29
CA ALA A 239 -0.08 -11.09 -14.33
C ALA A 239 1.24 -10.32 -14.49
N THR A 240 2.37 -11.02 -14.39
CA THR A 240 3.69 -10.36 -14.32
C THR A 240 4.76 -10.87 -15.26
N GLY A 241 4.78 -12.16 -15.63
CA GLY A 241 5.87 -12.75 -16.39
C GLY A 241 6.91 -13.39 -15.46
N LEU A 242 6.71 -13.28 -14.15
CA LEU A 242 7.48 -14.11 -13.17
C LEU A 242 7.09 -15.57 -13.42
N VAL A 243 8.00 -16.52 -13.20
CA VAL A 243 7.75 -17.95 -13.44
C VAL A 243 8.16 -18.79 -12.22
N PRO A 244 7.52 -19.95 -12.04
CA PRO A 244 8.02 -20.89 -11.07
C PRO A 244 9.41 -21.36 -11.53
N ASP A 245 10.35 -21.45 -10.59
CA ASP A 245 11.75 -21.81 -10.98
C ASP A 245 11.89 -23.29 -11.32
N ILE A 246 11.06 -24.10 -10.67
CA ILE A 246 10.92 -25.51 -10.91
C ILE A 246 9.42 -25.85 -10.74
N ALA A 247 8.96 -26.95 -11.38
CA ALA A 247 7.56 -27.32 -11.25
C ALA A 247 7.28 -27.50 -9.77
N GLY A 248 6.16 -26.95 -9.31
CA GLY A 248 5.76 -27.01 -7.90
C GLY A 248 6.41 -26.00 -7.01
N MET A 249 7.40 -25.27 -7.54
CA MET A 249 8.17 -24.27 -6.74
C MET A 249 9.05 -24.92 -5.66
N HIS A 250 9.99 -24.14 -5.13
CA HIS A 250 10.93 -24.69 -4.13
C HIS A 250 10.29 -24.84 -2.75
N GLY A 251 9.56 -23.83 -2.29
CA GLY A 251 8.85 -23.90 -1.00
C GLY A 251 9.84 -24.20 0.12
N PRO A 252 10.96 -23.47 0.16
CA PRO A 252 11.96 -23.75 1.22
C PRO A 252 11.46 -23.29 2.59
N ARG A 253 12.18 -23.78 3.61
CA ARG A 253 12.02 -23.31 4.97
C ARG A 253 12.75 -21.92 5.05
N ALA A 254 11.98 -20.90 5.41
CA ALA A 254 12.49 -19.56 5.57
C ALA A 254 11.52 -18.66 6.33
N SER A 255 12.03 -18.08 7.41
CA SER A 255 11.28 -17.12 8.14
C SER A 255 11.33 -15.82 7.37
N ILE A 256 10.53 -14.85 7.83
CA ILE A 256 10.46 -13.55 7.17
C ILE A 256 11.84 -12.91 7.02
N ASP A 257 12.70 -13.02 8.05
CA ASP A 257 14.05 -12.47 8.05
C ASP A 257 15.07 -13.24 7.20
N GLN A 258 14.69 -14.39 6.66
CA GLN A 258 15.56 -15.22 5.82
C GLN A 258 15.24 -15.23 4.32
N LEU A 259 14.13 -14.60 3.90
CA LEU A 259 13.70 -14.65 2.49
C LEU A 259 14.79 -14.07 1.60
N SER A 260 15.40 -12.98 2.05
CA SER A 260 16.33 -12.26 1.18
CA SER A 260 16.35 -12.23 1.21
C SER A 260 17.70 -12.93 1.05
N HIS A 261 17.96 -14.00 1.80
CA HIS A 261 19.13 -14.85 1.53
C HIS A 261 18.75 -16.24 1.06
N THR A 262 17.45 -16.46 0.81
CA THR A 262 16.97 -17.76 0.43
C THR A 262 16.31 -17.77 -0.96
N LEU A 263 15.31 -16.93 -1.18
CA LEU A 263 14.66 -16.87 -2.48
C LEU A 263 15.37 -15.83 -3.34
N ILE A 264 16.63 -16.15 -3.63
CA ILE A 264 17.57 -15.39 -4.46
C ILE A 264 18.41 -16.38 -5.27
N PRO A 265 19.18 -15.92 -6.29
CA PRO A 265 19.96 -16.85 -7.09
C PRO A 265 20.98 -17.71 -6.31
N GLN A 266 21.18 -18.96 -6.72
CA GLN A 266 22.14 -19.85 -6.06
C GLN A 266 23.54 -19.26 -6.06
N ALA A 267 23.88 -18.50 -7.10
CA ALA A 267 25.18 -17.86 -7.20
C ALA A 267 25.46 -16.90 -6.00
N GLU A 268 24.40 -16.37 -5.39
CA GLU A 268 24.51 -15.49 -4.24
C GLU A 268 24.09 -16.18 -2.93
N GLY A 269 24.10 -17.52 -2.91
CA GLY A 269 23.79 -18.31 -1.70
C GLY A 269 22.32 -18.78 -1.54
N GLY A 270 21.44 -18.40 -2.47
CA GLY A 270 20.03 -18.84 -2.30
C GLY A 270 19.76 -20.16 -3.02
N VAL A 271 18.48 -20.42 -3.31
CA VAL A 271 18.08 -21.67 -3.93
C VAL A 271 17.67 -21.59 -5.41
N LEU A 272 17.54 -20.38 -5.97
CA LEU A 272 17.00 -20.23 -7.31
C LEU A 272 18.01 -20.37 -8.46
N SER A 273 17.57 -20.97 -9.57
CA SER A 273 18.44 -21.09 -10.78
C SER A 273 18.57 -19.74 -11.51
N LYS A 274 17.66 -18.83 -11.22
CA LYS A 274 17.61 -17.51 -11.86
C LYS A 274 16.71 -16.57 -11.05
N SER A 275 16.88 -15.28 -11.32
CA SER A 275 16.04 -14.21 -10.73
C SER A 275 14.77 -14.09 -11.56
N GLY A 276 13.66 -13.66 -10.94
CA GLY A 276 12.37 -13.36 -11.62
C GLY A 276 11.38 -14.50 -11.48
N VAL A 277 11.15 -14.88 -10.22
CA VAL A 277 10.32 -16.06 -9.93
C VAL A 277 9.13 -15.80 -9.00
N VAL A 278 8.15 -16.70 -9.05
CA VAL A 278 7.13 -16.80 -8.00
C VAL A 278 7.47 -18.00 -7.12
N ASP A 279 7.39 -17.85 -5.80
CA ASP A 279 7.73 -18.99 -4.86
C ASP A 279 7.01 -18.70 -3.54
N TYR A 280 7.26 -19.51 -2.51
CA TYR A 280 6.53 -19.37 -1.25
C TYR A 280 7.47 -19.92 -0.18
N SER A 281 7.19 -19.56 1.07
CA SER A 281 8.05 -20.18 2.13
C SER A 281 7.26 -20.91 3.19
N ILE A 282 8.00 -21.85 3.84
CA ILE A 282 7.55 -22.60 5.00
C ILE A 282 8.33 -22.03 6.18
N GLY A 283 7.63 -21.30 7.05
CA GLY A 283 8.31 -20.75 8.21
C GLY A 283 7.56 -19.59 8.76
N LYS A 284 8.14 -19.01 9.80
CA LYS A 284 7.41 -18.10 10.69
C LYS A 284 7.41 -16.68 10.24
N GLY A 285 6.26 -16.01 10.48
CA GLY A 285 6.20 -14.57 10.33
C GLY A 285 5.94 -14.05 8.94
N VAL A 286 5.81 -14.95 7.98
CA VAL A 286 5.46 -14.55 6.66
C VAL A 286 3.93 -14.41 6.47
N SER A 287 3.19 -15.46 6.74
CA SER A 287 1.71 -15.44 6.77
CA SER A 287 1.71 -15.40 6.74
C SER A 287 1.21 -14.68 8.01
N PRO A 288 0.07 -13.95 7.90
N PRO A 288 0.06 -13.99 7.96
CA PRO A 288 -0.87 -13.82 6.78
CA PRO A 288 -0.52 -13.67 6.70
C PRO A 288 -0.59 -12.75 5.70
C PRO A 288 0.32 -12.54 6.17
N GLY A 289 0.64 -12.43 5.36
N GLY A 289 0.85 -12.68 4.99
CA GLY A 289 0.80 -11.49 4.21
CA GLY A 289 1.48 -11.55 4.42
C GLY A 289 1.39 -12.00 2.90
C GLY A 289 1.83 -12.09 3.10
N VAL A 290 2.15 -11.14 2.22
CA VAL A 290 2.77 -11.46 0.94
C VAL A 290 4.13 -10.70 0.93
N PHE A 291 5.02 -11.09 0.03
CA PHE A 291 6.37 -10.46 -0.03
C PHE A 291 6.87 -10.29 -1.46
N VAL A 292 7.82 -9.36 -1.60
CA VAL A 292 8.68 -9.24 -2.78
C VAL A 292 10.10 -9.11 -2.27
N VAL A 293 11.02 -9.91 -2.84
CA VAL A 293 12.46 -9.67 -2.61
C VAL A 293 12.93 -8.89 -3.84
N ALA A 294 13.58 -7.74 -3.63
CA ALA A 294 14.02 -6.87 -4.69
C ALA A 294 15.54 -6.77 -4.61
N LYS A 295 16.17 -6.43 -5.72
CA LYS A 295 17.61 -6.16 -5.74
C LYS A 295 17.89 -4.70 -6.03
N MET A 296 18.86 -4.12 -5.34
CA MET A 296 19.42 -2.79 -5.68
C MET A 296 20.65 -2.88 -6.64
N ASP A 297 20.72 -1.93 -7.55
CA ASP A 297 21.68 -1.88 -8.66
C ASP A 297 22.64 -0.74 -8.51
N HIS A 298 22.51 0.06 -7.47
CA HIS A 298 23.40 1.21 -7.28
C HIS A 298 23.86 1.20 -5.84
N PRO A 299 25.17 1.35 -5.61
CA PRO A 299 25.71 1.34 -4.25
C PRO A 299 25.10 2.35 -3.28
N ARG A 300 24.74 3.53 -3.78
CA ARG A 300 24.08 4.52 -2.91
C ARG A 300 22.70 4.04 -2.43
N LEU A 301 21.92 3.40 -3.30
CA LEU A 301 20.58 2.93 -2.95
C LEU A 301 20.71 1.76 -1.97
N ASN A 302 21.70 0.92 -2.21
CA ASN A 302 21.99 -0.15 -1.25
C ASN A 302 22.29 0.41 0.14
N GLU A 303 23.17 1.40 0.19
CA GLU A 303 23.55 2.02 1.46
C GLU A 303 22.39 2.65 2.20
N ARG A 304 21.52 3.31 1.46
CA ARG A 304 20.40 4.02 2.07
C ARG A 304 19.44 3.00 2.72
N LEU A 305 19.13 1.90 2.02
CA LEU A 305 18.27 0.83 2.59
C LEU A 305 18.93 0.14 3.81
N GLU A 306 20.25 -0.07 3.73
CA GLU A 306 21.00 -0.56 4.91
C GLU A 306 20.96 0.42 6.08
N ASP A 307 21.08 1.73 5.84
CA ASP A 307 21.03 2.72 6.94
C ASP A 307 19.66 2.77 7.61
N LEU A 308 18.60 2.50 6.84
CA LEU A 308 17.25 2.48 7.33
C LEU A 308 16.90 1.13 7.99
N LYS A 309 17.85 0.17 7.97
CA LYS A 309 17.66 -1.15 8.55
C LYS A 309 16.55 -1.95 7.88
N ILE A 310 16.40 -1.74 6.55
CA ILE A 310 15.50 -2.55 5.76
C ILE A 310 16.12 -3.97 5.54
N GLY A 311 17.46 -4.07 5.59
CA GLY A 311 18.19 -5.37 5.48
C GLY A 311 19.67 -5.15 5.17
N LYS A 312 20.33 -6.22 4.71
CA LYS A 312 21.75 -6.21 4.22
C LYS A 312 21.68 -6.55 2.73
N GLY A 313 22.25 -5.67 1.90
CA GLY A 313 22.10 -5.73 0.44
C GLY A 313 22.98 -6.77 -0.21
N PRO A 314 22.81 -7.00 -1.55
CA PRO A 314 21.95 -6.14 -2.34
C PRO A 314 20.46 -6.58 -2.40
N TYR A 315 20.07 -7.62 -1.68
CA TYR A 315 18.69 -8.12 -1.73
C TYR A 315 17.96 -7.67 -0.47
N PHE A 316 16.71 -7.22 -0.67
CA PHE A 316 15.84 -6.64 0.41
C PHE A 316 14.41 -7.16 0.29
N THR A 317 13.79 -7.40 1.44
CA THR A 317 12.42 -7.96 1.51
C THR A 317 11.39 -6.86 1.84
N PHE A 318 10.37 -6.75 0.99
CA PHE A 318 9.23 -5.88 1.19
C PHE A 318 8.07 -6.76 1.56
N HIS A 319 7.53 -6.53 2.75
CA HIS A 319 6.40 -7.39 3.29
C HIS A 319 5.14 -6.56 3.46
N ARG A 320 4.00 -7.10 2.99
CA ARG A 320 2.72 -6.59 3.39
C ARG A 320 2.12 -7.61 4.38
N PRO A 321 2.09 -7.31 5.68
CA PRO A 321 1.90 -8.36 6.67
C PRO A 321 0.43 -8.75 6.88
N TYR A 322 -0.46 -8.35 6.00
CA TYR A 322 -1.91 -8.72 6.14
C TYR A 322 -2.56 -8.77 4.75
N HIS A 323 -3.66 -9.52 4.65
CA HIS A 323 -4.57 -9.40 3.49
CA HIS A 323 -4.53 -9.51 3.45
C HIS A 323 -5.92 -9.78 4.09
N LEU A 324 -6.97 -9.05 3.74
CA LEU A 324 -8.22 -9.30 4.48
C LEU A 324 -9.27 -10.11 3.75
N THR A 325 -8.89 -10.80 2.68
CA THR A 325 -9.75 -11.59 1.81
C THR A 325 -10.94 -10.76 1.32
N SER A 326 -12.14 -11.28 1.52
CA SER A 326 -13.31 -10.66 0.93
CA SER A 326 -13.40 -10.68 1.04
C SER A 326 -13.57 -9.22 1.39
N LEU A 327 -13.06 -8.84 2.56
CA LEU A 327 -13.32 -7.54 3.13
C LEU A 327 -12.69 -6.42 2.23
N GLU A 328 -11.64 -6.72 1.46
CA GLU A 328 -11.00 -5.71 0.63
C GLU A 328 -11.67 -5.60 -0.75
N VAL A 329 -12.51 -6.55 -1.11
CA VAL A 329 -13.06 -6.58 -2.45
C VAL A 329 -13.90 -5.30 -2.78
N PRO A 330 -14.63 -4.72 -1.81
CA PRO A 330 -15.28 -3.44 -2.17
C PRO A 330 -14.35 -2.28 -2.55
N LEU A 331 -13.09 -2.28 -2.09
CA LEU A 331 -12.11 -1.29 -2.56
C LEU A 331 -11.82 -1.45 -4.06
N THR A 332 -11.74 -2.69 -4.54
CA THR A 332 -11.64 -2.95 -5.99
C THR A 332 -12.87 -2.43 -6.71
N VAL A 333 -14.08 -2.75 -6.22
CA VAL A 333 -15.28 -2.20 -6.81
C VAL A 333 -15.22 -0.66 -6.93
N ALA A 334 -14.86 0.01 -5.84
CA ALA A 334 -14.74 1.48 -5.82
C ALA A 334 -13.75 2.01 -6.87
N ARG A 335 -12.58 1.40 -6.96
CA ARG A 335 -11.52 1.87 -7.87
C ARG A 335 -11.98 1.62 -9.30
N VAL A 336 -12.64 0.46 -9.55
CA VAL A 336 -13.13 0.13 -10.90
C VAL A 336 -14.12 1.19 -11.32
N VAL A 337 -15.11 1.47 -10.48
CA VAL A 337 -16.22 2.30 -10.97
C VAL A 337 -15.84 3.78 -10.92
N LEU A 338 -15.29 4.21 -9.80
CA LEU A 338 -14.94 5.62 -9.65
C LEU A 338 -13.76 6.10 -10.53
N HIS A 339 -12.79 5.23 -10.78
CA HIS A 339 -11.50 5.62 -11.40
C HIS A 339 -11.17 4.90 -12.69
N GLY A 340 -11.99 3.93 -13.06
CA GLY A 340 -11.71 3.13 -14.25
C GLY A 340 -10.43 2.31 -14.20
N LYS A 341 -10.02 1.91 -13.02
CA LYS A 341 -8.77 1.21 -12.81
C LYS A 341 -9.00 -0.22 -12.37
N THR A 342 -8.30 -1.16 -12.96
CA THR A 342 -8.31 -2.52 -12.51
C THR A 342 -7.30 -2.70 -11.39
N ASP A 343 -7.54 -3.63 -10.47
CA ASP A 343 -6.53 -4.00 -9.48
C ASP A 343 -5.55 -5.09 -10.00
N MET A 344 -6.02 -5.96 -10.90
CA MET A 344 -5.21 -7.07 -11.37
C MET A 344 -5.86 -7.78 -12.54
N VAL A 345 -5.11 -7.90 -13.60
CA VAL A 345 -5.56 -8.59 -14.83
C VAL A 345 -4.43 -9.57 -15.27
N PRO A 346 -4.81 -10.66 -15.91
CA PRO A 346 -3.83 -11.48 -16.58
C PRO A 346 -3.25 -10.80 -17.81
N LEU A 347 -2.00 -11.12 -18.07
CA LEU A 347 -1.33 -10.77 -19.33
C LEU A 347 -1.95 -11.52 -20.48
N PRO A 348 -1.84 -10.99 -21.70
CA PRO A 348 -2.42 -11.68 -22.86
C PRO A 348 -1.89 -13.11 -23.09
N LYS A 349 -0.61 -13.33 -22.80
CA LYS A 349 0.03 -14.64 -22.95
C LYS A 349 0.48 -15.24 -21.60
N PRO A 350 -0.29 -16.25 -21.08
CA PRO A 350 0.10 -16.93 -19.83
C PRO A 350 1.53 -17.46 -19.85
N VAL A 351 2.20 -17.37 -18.73
CA VAL A 351 3.53 -18.01 -18.63
C VAL A 351 3.57 -19.24 -17.73
N ALA A 352 2.55 -19.42 -16.87
CA ALA A 352 2.38 -20.61 -16.01
C ALA A 352 1.01 -21.28 -16.18
N GLU A 353 0.96 -22.58 -15.89
CA GLU A 353 -0.28 -23.36 -15.95
C GLU A 353 -0.46 -24.03 -14.60
N VAL A 354 -1.65 -24.00 -14.03
CA VAL A 354 -1.92 -24.86 -12.87
C VAL A 354 -2.30 -26.22 -13.44
N CYS A 355 -1.43 -27.18 -13.20
CA CYS A 355 -1.62 -28.58 -13.57
C CYS A 355 -2.08 -29.37 -12.33
N ALA A 356 -2.09 -30.70 -12.42
CA ALA A 356 -2.54 -31.51 -11.31
C ALA A 356 -1.85 -32.84 -11.30
N VAL A 357 -1.65 -33.32 -10.05
CA VAL A 357 -1.01 -34.57 -9.75
CA VAL A 357 -1.08 -34.65 -9.85
C VAL A 357 -1.99 -35.47 -8.97
N ALA A 358 -2.03 -36.77 -9.26
CA ALA A 358 -2.88 -37.71 -8.57
C ALA A 358 -2.44 -37.84 -7.12
N LYS A 359 -3.41 -37.89 -6.22
CA LYS A 359 -3.17 -38.17 -4.81
C LYS A 359 -3.25 -39.65 -4.45
N LYS A 360 -3.72 -40.48 -5.39
CA LYS A 360 -3.87 -41.91 -5.18
C LYS A 360 -3.88 -42.58 -6.52
N ASP A 361 -3.67 -43.90 -6.51
CA ASP A 361 -3.80 -44.71 -7.71
C ASP A 361 -5.27 -44.68 -8.21
N MET A 362 -5.45 -44.58 -9.53
CA MET A 362 -6.78 -44.65 -10.19
C MET A 362 -6.74 -45.48 -11.46
N GLN A 363 -7.87 -46.10 -11.74
CA GLN A 363 -7.96 -47.02 -12.86
C GLN A 363 -8.93 -46.49 -13.92
N PRO A 364 -8.77 -46.95 -15.16
CA PRO A 364 -9.63 -46.48 -16.23
C PRO A 364 -11.12 -46.65 -15.89
N GLY A 365 -11.91 -45.57 -16.10
CA GLY A 365 -13.35 -45.59 -15.88
C GLY A 365 -13.71 -44.88 -14.59
N GLU A 366 -12.79 -44.79 -13.65
CA GLU A 366 -13.02 -43.96 -12.48
C GLU A 366 -13.18 -42.48 -12.87
N HIS A 367 -13.96 -41.72 -12.11
CA HIS A 367 -14.00 -40.26 -12.23
C HIS A 367 -13.11 -39.56 -11.23
N LEU A 368 -12.40 -38.53 -11.70
CA LEU A 368 -11.74 -37.57 -10.84
C LEU A 368 -12.80 -36.75 -10.10
N ASP A 369 -12.55 -36.46 -8.83
CA ASP A 369 -13.55 -35.81 -7.95
C ASP A 369 -13.44 -34.31 -8.01
N ALA A 370 -12.88 -33.64 -7.02
CA ALA A 370 -12.81 -32.17 -7.11
C ALA A 370 -11.61 -31.72 -6.29
N ILE A 371 -11.13 -30.52 -6.54
CA ILE A 371 -10.01 -30.01 -5.71
C ILE A 371 -10.46 -29.95 -4.25
N GLY A 372 -9.56 -30.31 -3.34
CA GLY A 372 -9.86 -30.32 -1.92
C GLY A 372 -10.48 -31.63 -1.46
N GLN A 373 -10.40 -32.67 -2.29
CA GLN A 373 -10.96 -33.98 -1.99
C GLN A 373 -9.90 -35.08 -2.08
N TYR A 374 -10.19 -36.18 -2.80
CA TYR A 374 -9.40 -37.38 -2.71
C TYR A 374 -8.50 -37.74 -3.89
N CYS A 375 -8.80 -37.21 -5.07
CA CYS A 375 -8.17 -37.70 -6.30
C CYS A 375 -6.94 -36.94 -6.75
N TYR A 376 -6.93 -35.62 -6.61
CA TYR A 376 -5.80 -34.84 -7.16
C TYR A 376 -5.60 -33.54 -6.40
N ARG A 377 -4.40 -32.95 -6.64
CA ARG A 377 -3.99 -31.68 -6.09
C ARG A 377 -3.29 -30.88 -7.17
N SER A 378 -3.37 -29.55 -7.06
CA SER A 378 -2.80 -28.66 -8.07
C SER A 378 -1.25 -28.67 -7.99
N TRP A 379 -0.61 -28.32 -9.10
CA TRP A 379 0.85 -28.36 -9.26
C TRP A 379 1.21 -27.36 -10.36
N ILE A 380 1.93 -26.28 -10.02
CA ILE A 380 2.26 -25.22 -10.96
C ILE A 380 3.44 -25.66 -11.84
N MET A 381 3.28 -25.43 -13.13
CA MET A 381 4.36 -25.62 -14.10
C MET A 381 4.45 -24.41 -15.01
N THR A 382 5.63 -24.21 -15.66
CA THR A 382 5.66 -23.30 -16.80
C THR A 382 4.72 -23.78 -17.96
N VAL A 383 4.17 -22.85 -18.75
CA VAL A 383 3.42 -23.28 -19.95
C VAL A 383 4.18 -24.22 -20.87
N PRO A 384 5.44 -23.90 -21.19
CA PRO A 384 6.13 -24.83 -22.06
C PRO A 384 6.34 -26.24 -21.51
N GLU A 385 6.54 -26.40 -20.19
CA GLU A 385 6.65 -27.75 -19.61
C GLU A 385 5.28 -28.43 -19.56
N ALA A 386 4.23 -27.68 -19.24
CA ALA A 386 2.84 -28.19 -19.26
C ALA A 386 2.52 -28.71 -20.64
N ARG A 387 2.81 -27.93 -21.67
CA ARG A 387 2.46 -28.35 -23.04
C ARG A 387 3.24 -29.57 -23.46
N ALA A 388 4.54 -29.59 -23.16
CA ALA A 388 5.39 -30.72 -23.53
C ALA A 388 4.88 -32.02 -22.93
N ALA A 389 4.31 -31.95 -21.74
CA ALA A 389 3.81 -33.13 -21.02
C ALA A 389 2.35 -33.43 -21.30
N LYS A 390 1.69 -32.57 -22.09
CA LYS A 390 0.23 -32.68 -22.35
C LYS A 390 -0.61 -32.65 -21.07
N ALA A 391 -0.17 -31.81 -20.13
CA ALA A 391 -0.89 -31.65 -18.85
C ALA A 391 -2.25 -31.00 -19.07
N ILE A 392 -3.26 -31.51 -18.40
CA ILE A 392 -4.59 -30.88 -18.43
C ILE A 392 -4.61 -29.76 -17.37
N PRO A 393 -5.05 -28.54 -17.76
CA PRO A 393 -5.27 -27.50 -16.76
C PRO A 393 -6.20 -27.98 -15.64
N CYS A 394 -5.78 -27.76 -14.42
CA CYS A 394 -6.48 -28.27 -13.22
C CYS A 394 -7.95 -27.81 -13.16
N GLY A 395 -8.26 -26.58 -13.59
CA GLY A 395 -9.64 -26.07 -13.61
C GLY A 395 -10.62 -26.85 -14.49
N LEU A 396 -10.11 -27.68 -15.39
CA LEU A 396 -10.96 -28.52 -16.24
C LEU A 396 -11.30 -29.90 -15.69
N LEU A 397 -10.77 -30.30 -14.53
CA LEU A 397 -10.76 -31.73 -14.17
C LEU A 397 -11.94 -32.21 -13.37
N GLN A 398 -12.76 -31.33 -12.79
CA GLN A 398 -13.81 -31.84 -11.89
C GLN A 398 -14.79 -32.77 -12.65
N ASN A 399 -15.02 -33.96 -12.08
CA ASN A 399 -15.83 -34.99 -12.69
C ASN A 399 -15.28 -35.48 -14.05
N GLY A 400 -13.97 -35.31 -14.29
CA GLY A 400 -13.33 -35.83 -15.55
C GLY A 400 -13.20 -37.36 -15.45
N THR A 401 -12.88 -38.02 -16.57
CA THR A 401 -12.89 -39.49 -16.63
C THR A 401 -11.43 -39.93 -16.72
N VAL A 402 -11.02 -40.90 -15.91
CA VAL A 402 -9.74 -41.55 -16.06
C VAL A 402 -9.77 -42.53 -17.22
N ILE A 403 -8.84 -42.37 -18.18
CA ILE A 403 -8.80 -43.20 -19.36
C ILE A 403 -7.61 -44.18 -19.47
N ALA A 404 -6.63 -44.05 -18.57
CA ALA A 404 -5.51 -44.97 -18.50
C ALA A 404 -5.08 -45.00 -17.03
N PRO A 405 -4.40 -46.09 -16.60
CA PRO A 405 -3.97 -46.12 -15.21
C PRO A 405 -3.14 -44.94 -14.85
N ILE A 406 -3.39 -44.40 -13.68
CA ILE A 406 -2.62 -43.30 -13.13
C ILE A 406 -2.10 -43.72 -11.75
N LYS A 407 -0.82 -43.47 -11.45
CA LYS A 407 -0.29 -43.86 -10.13
C LYS A 407 -0.21 -42.60 -9.24
N LYS A 408 -0.23 -42.77 -7.91
CA LYS A 408 0.00 -41.66 -7.00
C LYS A 408 1.26 -40.89 -7.42
N GLY A 409 1.16 -39.55 -7.37
CA GLY A 409 2.28 -38.66 -7.67
C GLY A 409 2.45 -38.33 -9.16
N GLU A 410 1.66 -38.95 -10.02
CA GLU A 410 1.80 -38.81 -11.47
C GLU A 410 0.96 -37.65 -12.02
N LEU A 411 1.52 -36.93 -12.99
CA LEU A 411 0.84 -35.81 -13.64
C LEU A 411 -0.42 -36.33 -14.38
N ILE A 412 -1.51 -35.59 -14.24
CA ILE A 412 -2.75 -35.80 -15.00
C ILE A 412 -2.68 -35.14 -16.38
N THR A 413 -2.79 -35.95 -17.42
CA THR A 413 -2.54 -35.49 -18.83
C THR A 413 -3.66 -35.93 -19.77
N TYR A 414 -3.65 -35.42 -21.01
CA TYR A 414 -4.66 -35.84 -22.02
C TYR A 414 -4.44 -37.27 -22.46
N ALA A 415 -3.29 -37.85 -22.10
CA ALA A 415 -3.07 -39.28 -22.30
C ALA A 415 -3.79 -40.22 -21.29
N ASN A 416 -4.02 -39.74 -20.07
CA ASN A 416 -4.60 -40.56 -19.02
C ASN A 416 -5.93 -40.08 -18.45
N ALA A 417 -6.39 -38.90 -18.89
CA ALA A 417 -7.69 -38.46 -18.42
C ALA A 417 -8.36 -37.60 -19.47
N ALA A 418 -9.66 -37.43 -19.33
CA ALA A 418 -10.43 -36.60 -20.24
C ALA A 418 -11.38 -35.68 -19.44
N PRO A 419 -11.34 -34.36 -19.67
CA PRO A 419 -12.37 -33.51 -19.03
C PRO A 419 -13.75 -33.79 -19.53
N GLN A 420 -14.75 -33.47 -18.71
CA GLN A 420 -16.14 -33.38 -19.21
C GLN A 420 -16.12 -32.34 -20.34
N PRO A 421 -16.46 -32.75 -21.55
CA PRO A 421 -16.30 -31.89 -22.75
C PRO A 421 -17.27 -30.68 -22.83
N GLY A 422 -18.50 -30.91 -22.33
CA GLY A 422 -19.56 -29.92 -22.37
C GLY A 422 -19.55 -28.81 -21.30
N SER A 423 -18.53 -28.73 -20.43
CA SER A 423 -18.47 -27.63 -19.45
C SER A 423 -18.32 -26.29 -20.12
N ARG A 424 -18.93 -25.29 -19.52
CA ARG A 424 -18.68 -23.92 -19.92
C ARG A 424 -17.17 -23.66 -19.82
N ILE A 425 -16.52 -24.19 -18.77
CA ILE A 425 -15.11 -23.85 -18.58
C ILE A 425 -14.22 -24.45 -19.64
N ALA A 426 -14.46 -25.71 -20.01
CA ALA A 426 -13.77 -26.34 -21.18
C ALA A 426 -14.08 -25.60 -22.49
N GLU A 427 -15.32 -25.15 -22.70
CA GLU A 427 -15.68 -24.38 -23.92
C GLU A 427 -14.89 -23.05 -24.00
N LEU A 428 -14.87 -22.31 -22.88
CA LEU A 428 -14.17 -21.02 -22.85
C LEU A 428 -12.67 -21.22 -22.95
N ARG A 429 -12.13 -22.29 -22.36
CA ARG A 429 -10.69 -22.54 -22.46
C ARG A 429 -10.32 -22.89 -23.93
N ALA A 430 -11.16 -23.66 -24.61
CA ALA A 430 -10.89 -23.87 -26.09
C ALA A 430 -10.83 -22.56 -26.85
N LEU A 431 -11.71 -21.61 -26.50
CA LEU A 431 -11.77 -20.35 -27.22
C LEU A 431 -10.52 -19.54 -26.92
N GLN A 432 -10.05 -19.62 -25.66
CA GLN A 432 -8.81 -18.94 -25.23
C GLN A 432 -7.60 -19.44 -26.04
N ASP A 433 -7.52 -20.76 -26.17
CA ASP A 433 -6.42 -21.44 -26.92
C ASP A 433 -6.42 -21.07 -28.41
N ALA A 434 -7.59 -20.90 -29.00
CA ALA A 434 -7.68 -20.48 -30.39
C ALA A 434 -7.21 -19.02 -30.57
N MET A 435 -7.57 -18.18 -29.59
CA MET A 435 -7.27 -16.76 -29.60
C MET A 435 -5.74 -16.59 -29.50
N LEU A 436 -5.10 -17.41 -28.65
CA LEU A 436 -3.65 -17.35 -28.45
C LEU A 436 -2.91 -17.84 -29.70
N GLY A 437 -3.39 -18.94 -30.28
CA GLY A 437 -2.86 -19.48 -31.54
C GLY A 437 -3.42 -18.72 -32.74
N THR B 2 14.84 -4.38 -16.80
CA THR B 2 15.52 -4.44 -15.45
C THR B 2 14.62 -5.05 -14.36
N THR B 3 13.31 -4.74 -14.39
CA THR B 3 12.40 -5.11 -13.29
C THR B 3 11.97 -6.60 -13.25
N ASN B 4 12.06 -7.28 -14.39
CA ASN B 4 11.62 -8.65 -14.54
C ASN B 4 10.11 -8.78 -14.63
N VAL B 5 9.37 -7.66 -14.54
CA VAL B 5 7.90 -7.76 -14.61
C VAL B 5 7.28 -6.84 -15.68
N ALA B 6 6.11 -7.24 -16.13
CA ALA B 6 5.32 -6.43 -17.03
C ALA B 6 4.93 -5.13 -16.33
N LEU B 7 4.82 -4.08 -17.13
CA LEU B 7 4.39 -2.76 -16.63
C LEU B 7 2.91 -2.77 -16.18
N VAL B 8 2.65 -2.41 -14.93
CA VAL B 8 1.29 -2.24 -14.40
C VAL B 8 1.16 -0.93 -13.58
N GLY B 9 -0.08 -0.46 -13.38
CA GLY B 9 -0.32 0.65 -12.51
C GLY B 9 0.60 1.83 -12.82
N LEU B 10 1.06 2.48 -11.76
CA LEU B 10 1.93 3.65 -11.89
C LEU B 10 3.15 3.42 -12.75
N ALA B 11 3.73 2.20 -12.71
CA ALA B 11 4.89 1.91 -13.52
C ALA B 11 4.54 2.02 -15.02
N ARG B 12 3.38 1.50 -15.39
CA ARG B 12 2.88 1.66 -16.74
C ARG B 12 2.61 3.14 -17.14
N ASP B 13 2.02 3.90 -16.20
CA ASP B 13 1.68 5.33 -16.45
C ASP B 13 3.00 6.10 -16.76
N LEU B 14 4.07 5.83 -15.99
CA LEU B 14 5.42 6.44 -16.19
C LEU B 14 6.06 6.07 -17.52
N ALA B 15 5.90 4.82 -17.93
CA ALA B 15 6.45 4.39 -19.21
C ALA B 15 5.70 5.05 -20.37
N ALA B 16 4.38 5.16 -20.23
CA ALA B 16 3.56 5.92 -21.21
C ALA B 16 3.95 7.41 -21.29
N ARG B 17 4.19 8.05 -20.14
CA ARG B 17 4.77 9.37 -20.12
C ARG B 17 6.10 9.45 -20.85
N ALA B 18 6.97 8.48 -20.60
CA ALA B 18 8.26 8.47 -21.28
C ALA B 18 8.10 8.40 -22.83
N GLU B 19 7.10 7.65 -23.30
CA GLU B 19 6.84 7.50 -24.74
C GLU B 19 6.36 8.80 -25.40
N THR B 20 5.80 9.72 -24.63
CA THR B 20 5.51 11.07 -25.17
C THR B 20 6.80 11.86 -25.52
N GLY B 21 7.96 11.44 -25.02
CA GLY B 21 9.20 12.18 -25.24
C GLY B 21 9.37 13.44 -24.37
N LYS B 22 8.43 13.69 -23.46
CA LYS B 22 8.55 14.85 -22.57
C LYS B 22 8.30 14.35 -21.17
N PRO B 23 9.40 14.09 -20.45
CA PRO B 23 9.26 13.56 -19.10
C PRO B 23 8.71 14.60 -18.17
N ILE B 24 8.22 14.18 -17.01
CA ILE B 24 7.94 15.07 -15.87
C ILE B 24 9.32 15.60 -15.41
N ARG B 25 9.42 16.90 -15.23
CA ARG B 25 10.70 17.52 -14.82
C ARG B 25 10.67 18.17 -13.42
N ILE B 26 11.56 17.66 -12.58
CA ILE B 26 11.70 18.13 -11.19
C ILE B 26 12.69 19.29 -11.12
N GLY B 27 12.32 20.34 -10.40
CA GLY B 27 13.32 21.35 -9.95
C GLY B 27 13.71 21.02 -8.54
N LEU B 28 14.99 20.72 -8.31
CA LEU B 28 15.44 20.19 -7.05
C LEU B 28 16.33 21.22 -6.39
N ILE B 29 15.89 21.70 -5.22
CA ILE B 29 16.64 22.74 -4.49
C ILE B 29 17.40 22.04 -3.36
N GLY B 30 18.71 21.99 -3.49
CA GLY B 30 19.55 21.42 -2.46
C GLY B 30 20.27 20.16 -2.97
N ALA B 31 21.60 20.20 -3.01
CA ALA B 31 22.49 19.13 -3.54
C ALA B 31 23.15 18.21 -2.51
N GLY B 32 22.66 18.22 -1.27
CA GLY B 32 23.21 17.40 -0.21
C GLY B 32 22.69 15.97 -0.24
N GLU B 33 22.60 15.33 0.93
CA GLU B 33 22.27 13.91 0.99
C GLU B 33 20.95 13.54 0.35
N MET B 34 19.87 14.21 0.75
CA MET B 34 18.54 13.87 0.26
C MET B 34 18.41 14.22 -1.22
N GLY B 35 19.03 15.34 -1.62
CA GLY B 35 18.97 15.74 -3.01
C GLY B 35 19.75 14.73 -3.90
N THR B 36 20.90 14.28 -3.39
CA THR B 36 21.76 13.34 -4.12
C THR B 36 21.01 12.00 -4.22
N ASP B 37 20.35 11.59 -3.15
CA ASP B 37 19.45 10.40 -3.23
C ASP B 37 18.39 10.53 -4.33
N ILE B 38 17.69 11.67 -4.43
CA ILE B 38 16.67 11.85 -5.45
C ILE B 38 17.27 11.81 -6.86
N VAL B 39 18.41 12.48 -7.10
CA VAL B 39 19.04 12.38 -8.42
C VAL B 39 19.32 10.90 -8.78
N THR B 40 19.89 10.18 -7.83
CA THR B 40 20.24 8.75 -8.00
C THR B 40 19.00 7.89 -8.30
N GLN B 41 17.96 8.04 -7.48
CA GLN B 41 16.70 7.30 -7.64
C GLN B 41 15.98 7.62 -9.00
N VAL B 42 15.92 8.89 -9.39
CA VAL B 42 15.21 9.26 -10.62
C VAL B 42 15.91 8.63 -11.84
N ALA B 43 17.23 8.51 -11.76
CA ALA B 43 18.01 7.96 -12.83
C ALA B 43 17.68 6.49 -13.17
N ARG B 44 17.06 5.74 -12.27
CA ARG B 44 16.54 4.37 -12.55
C ARG B 44 15.07 4.30 -12.96
N MET B 45 14.38 5.43 -13.00
CA MET B 45 12.94 5.46 -13.33
C MET B 45 12.71 5.91 -14.77
N GLN B 46 11.51 5.61 -15.25
CA GLN B 46 11.03 6.12 -16.54
C GLN B 46 10.14 7.34 -16.39
N GLY B 47 10.19 8.27 -17.36
CA GLY B 47 9.18 9.31 -17.48
C GLY B 47 9.27 10.50 -16.54
N ILE B 48 10.36 10.56 -15.78
CA ILE B 48 10.58 11.56 -14.77
C ILE B 48 12.06 11.82 -14.69
N GLU B 49 12.43 13.10 -14.66
CA GLU B 49 13.83 13.53 -14.66
C GLU B 49 13.99 14.70 -13.73
N VAL B 50 15.23 14.89 -13.27
CA VAL B 50 15.61 16.14 -12.63
C VAL B 50 16.04 17.11 -13.70
N GLY B 51 15.27 18.20 -13.91
CA GLY B 51 15.58 19.16 -14.93
C GLY B 51 16.70 20.09 -14.49
N ALA B 52 16.68 20.45 -13.23
CA ALA B 52 17.63 21.40 -12.66
C ALA B 52 17.83 21.14 -11.15
N LEU B 53 19.02 21.49 -10.73
CA LEU B 53 19.51 21.26 -9.37
C LEU B 53 20.31 22.46 -8.92
N SER B 54 20.02 22.97 -7.71
CA SER B 54 20.77 24.10 -7.17
C SER B 54 21.40 23.73 -5.81
N ALA B 55 22.43 24.49 -5.47
CA ALA B 55 23.07 24.43 -4.15
C ALA B 55 23.57 25.86 -3.90
N ARG B 56 23.81 26.15 -2.65
CA ARG B 56 24.44 27.41 -2.25
C ARG B 56 25.84 27.63 -2.87
N ARG B 57 26.62 26.53 -2.95
CA ARG B 57 27.95 26.54 -3.53
C ARG B 57 27.93 25.60 -4.73
N LEU B 58 28.20 26.16 -5.92
CA LEU B 58 27.99 25.48 -7.20
C LEU B 58 28.71 24.13 -7.30
N PRO B 59 29.92 24.00 -6.69
CA PRO B 59 30.59 22.66 -6.74
C PRO B 59 29.82 21.49 -6.19
N ASN B 60 28.98 21.72 -5.18
CA ASN B 60 28.22 20.65 -4.61
C ASN B 60 27.14 20.09 -5.56
N THR B 61 26.77 20.85 -6.58
CA THR B 61 25.80 20.32 -7.60
C THR B 61 26.52 19.27 -8.44
N PHE B 62 27.75 19.62 -8.88
CA PHE B 62 28.58 18.69 -9.64
C PHE B 62 28.90 17.45 -8.83
N LYS B 63 29.15 17.64 -7.54
CA LYS B 63 29.43 16.51 -6.63
C LYS B 63 28.30 15.49 -6.53
N ALA B 64 27.05 15.97 -6.36
CA ALA B 64 25.86 15.15 -6.27
C ALA B 64 25.71 14.35 -7.60
N ILE B 65 25.91 15.04 -8.71
CA ILE B 65 25.82 14.40 -10.03
C ILE B 65 26.91 13.31 -10.21
N ARG B 66 28.16 13.57 -9.78
CA ARG B 66 29.21 12.58 -9.84
C ARG B 66 28.90 11.34 -9.03
N THR B 67 28.33 11.52 -7.83
CA THR B 67 27.90 10.41 -6.99
C THR B 67 26.81 9.55 -7.66
N ALA B 68 25.82 10.18 -8.26
CA ALA B 68 24.72 9.47 -8.89
C ALA B 68 25.22 8.72 -10.14
N TYR B 69 26.05 9.34 -10.94
CA TYR B 69 26.36 8.80 -12.25
C TYR B 69 27.78 8.27 -12.46
N GLY B 70 28.73 8.63 -11.60
CA GLY B 70 30.12 8.28 -11.70
C GLY B 70 30.98 9.31 -12.46
N ASP B 71 30.34 10.35 -13.04
CA ASP B 71 31.05 11.44 -13.74
C ASP B 71 30.10 12.63 -13.92
N GLU B 72 30.60 13.77 -14.42
CA GLU B 72 29.82 15.03 -14.47
C GLU B 72 29.26 15.37 -15.85
N GLU B 73 29.27 14.40 -16.74
CA GLU B 73 28.81 14.60 -18.11
C GLU B 73 27.36 15.07 -18.26
N ASN B 74 26.49 14.70 -17.33
CA ASN B 74 25.13 15.12 -17.40
C ASN B 74 24.87 16.54 -16.85
N ALA B 75 25.84 17.12 -16.18
CA ALA B 75 25.68 18.44 -15.60
C ALA B 75 26.01 19.56 -16.60
N ARG B 76 25.28 20.66 -16.59
CA ARG B 76 25.68 21.83 -17.37
C ARG B 76 25.27 23.09 -16.57
N GLU B 77 26.25 23.95 -16.34
CA GLU B 77 26.08 25.16 -15.57
C GLU B 77 25.17 26.16 -16.31
N ALA B 78 24.20 26.73 -15.58
CA ALA B 78 23.35 27.79 -16.10
C ALA B 78 23.12 28.88 -15.07
N THR B 79 23.31 30.13 -15.48
CA THR B 79 23.07 31.27 -14.60
C THR B 79 22.02 32.27 -15.11
N THR B 80 21.39 31.96 -16.24
CA THR B 80 20.29 32.72 -16.85
C THR B 80 19.19 31.73 -17.34
N GLU B 81 17.97 32.25 -17.58
CA GLU B 81 16.86 31.39 -18.07
C GLU B 81 17.15 30.73 -19.43
N SER B 82 17.67 31.49 -20.38
CA SER B 82 17.94 30.95 -21.70
CA SER B 82 17.97 30.99 -21.71
C SER B 82 18.96 29.80 -21.63
N ALA B 83 19.98 29.95 -20.75
CA ALA B 83 21.00 28.89 -20.56
C ALA B 83 20.39 27.65 -19.87
N MET B 84 19.56 27.87 -18.87
CA MET B 84 18.93 26.76 -18.20
C MET B 84 17.98 25.98 -19.12
N THR B 85 17.10 26.68 -19.84
CA THR B 85 16.24 26.02 -20.85
C THR B 85 17.04 25.26 -21.94
N ARG B 86 18.10 25.87 -22.48
CA ARG B 86 18.98 25.12 -23.41
C ARG B 86 19.56 23.85 -22.84
N ALA B 87 19.99 23.94 -21.59
CA ALA B 87 20.59 22.78 -20.96
C ALA B 87 19.55 21.64 -20.81
N ILE B 88 18.34 21.97 -20.39
CA ILE B 88 17.30 21.00 -20.18
C ILE B 88 16.92 20.38 -21.56
N GLU B 89 16.75 21.20 -22.57
CA GLU B 89 16.49 20.67 -23.94
C GLU B 89 17.63 19.77 -24.49
N ALA B 90 18.88 20.00 -24.04
CA ALA B 90 19.99 19.17 -24.51
C ALA B 90 20.10 17.86 -23.76
N GLY B 91 19.14 17.57 -22.90
CA GLY B 91 19.15 16.42 -21.99
C GLY B 91 20.10 16.47 -20.80
N LYS B 92 20.50 17.68 -20.39
CA LYS B 92 21.37 17.83 -19.25
C LYS B 92 20.56 18.17 -18.00
N ILE B 93 21.18 17.99 -16.85
CA ILE B 93 20.65 18.57 -15.62
C ILE B 93 21.31 19.89 -15.48
N ALA B 94 20.54 20.96 -15.58
CA ALA B 94 21.07 22.29 -15.42
C ALA B 94 21.45 22.50 -13.97
N VAL B 95 22.66 22.94 -13.71
CA VAL B 95 23.05 23.22 -12.35
C VAL B 95 23.33 24.72 -12.10
N THR B 96 23.02 25.17 -10.90
CA THR B 96 23.03 26.58 -10.63
C THR B 96 23.21 26.82 -9.15
N ASP B 97 23.58 28.07 -8.77
CA ASP B 97 23.59 28.46 -7.36
C ASP B 97 22.47 29.48 -7.08
N ASP B 98 21.57 29.69 -8.07
CA ASP B 98 20.46 30.69 -8.02
C ASP B 98 19.12 29.91 -7.99
N ASN B 99 18.54 29.73 -6.81
CA ASN B 99 17.23 29.03 -6.67
C ASN B 99 16.12 29.60 -7.54
N ASP B 100 16.10 30.93 -7.68
CA ASP B 100 15.07 31.63 -8.50
C ASP B 100 15.02 31.19 -9.95
N LEU B 101 16.15 30.75 -10.52
CA LEU B 101 16.12 30.28 -11.90
C LEU B 101 15.29 28.99 -12.01
N ILE B 102 15.42 28.12 -11.03
CA ILE B 102 14.69 26.84 -11.01
C ILE B 102 13.25 27.12 -10.71
N LEU B 103 12.98 27.97 -9.71
CA LEU B 103 11.61 28.29 -9.31
C LEU B 103 10.78 28.95 -10.43
N SER B 104 11.44 29.57 -11.41
CA SER B 104 10.77 30.31 -12.48
C SER B 104 10.97 29.69 -13.89
N ASN B 105 11.74 28.61 -14.04
CA ASN B 105 11.92 28.02 -15.35
C ASN B 105 10.61 27.40 -15.93
N PRO B 106 10.30 27.70 -17.20
CA PRO B 106 9.03 27.29 -17.80
C PRO B 106 8.92 25.79 -17.96
N LEU B 107 10.05 25.08 -17.97
CA LEU B 107 10.05 23.64 -18.23
C LEU B 107 10.03 22.79 -16.93
N ILE B 108 10.07 23.41 -15.77
CA ILE B 108 10.02 22.69 -14.51
C ILE B 108 8.52 22.53 -14.10
N ASP B 109 8.14 21.29 -13.86
CA ASP B 109 6.77 20.95 -13.43
C ASP B 109 6.50 21.07 -11.93
N VAL B 110 7.44 20.53 -11.16
CA VAL B 110 7.28 20.41 -9.69
CA VAL B 110 7.31 20.34 -9.69
C VAL B 110 8.60 20.77 -8.99
N ILE B 111 8.47 21.46 -7.86
CA ILE B 111 9.62 21.86 -7.03
C ILE B 111 9.71 20.98 -5.83
N ILE B 112 10.92 20.56 -5.49
CA ILE B 112 11.18 19.82 -4.23
C ILE B 112 12.31 20.55 -3.53
N ASP B 113 12.15 20.96 -2.28
CA ASP B 113 13.25 21.58 -1.56
C ASP B 113 13.84 20.50 -0.66
N ALA B 114 15.11 20.20 -0.88
CA ALA B 114 15.78 19.09 -0.16
C ALA B 114 16.94 19.62 0.72
N THR B 115 16.92 20.90 1.05
CA THR B 115 17.99 21.52 1.87
C THR B 115 17.99 21.10 3.35
N GLY B 116 16.83 20.69 3.84
CA GLY B 116 16.62 20.43 5.28
C GLY B 116 16.57 21.69 6.13
N ILE B 117 16.45 22.86 5.52
CA ILE B 117 16.37 24.14 6.25
C ILE B 117 14.94 24.69 6.16
N PRO B 118 14.22 24.76 7.30
CA PRO B 118 12.78 25.08 7.24
C PRO B 118 12.50 26.49 6.68
N GLU B 119 13.35 27.44 7.03
CA GLU B 119 13.24 28.81 6.51
C GLU B 119 13.31 28.80 5.03
N VAL B 120 14.24 28.02 4.48
CA VAL B 120 14.39 27.91 3.03
C VAL B 120 13.22 27.15 2.44
N GLY B 121 12.73 26.11 3.09
CA GLY B 121 11.49 25.44 2.61
C GLY B 121 10.26 26.38 2.55
N ALA B 122 10.12 27.25 3.55
CA ALA B 122 9.11 28.32 3.57
C ALA B 122 9.28 29.32 2.39
N GLU B 123 10.49 29.84 2.22
CA GLU B 123 10.84 30.75 1.13
C GLU B 123 10.64 30.17 -0.26
N THR B 124 11.22 29.00 -0.54
CA THR B 124 11.06 28.39 -1.86
C THR B 124 9.65 27.85 -2.07
N GLY B 125 8.98 27.47 -0.98
CA GLY B 125 7.62 26.90 -1.01
C GLY B 125 6.63 27.93 -1.53
N ILE B 126 6.62 29.09 -0.90
CA ILE B 126 5.70 30.18 -1.36
C ILE B 126 6.11 30.64 -2.78
N ALA B 127 7.41 30.72 -3.07
CA ALA B 127 7.86 31.11 -4.39
C ALA B 127 7.43 30.14 -5.49
N ALA B 128 7.48 28.84 -5.18
CA ALA B 128 7.04 27.83 -6.15
C ALA B 128 5.58 28.02 -6.50
N ILE B 129 4.79 28.26 -5.47
CA ILE B 129 3.38 28.39 -5.65
C ILE B 129 3.14 29.72 -6.39
N ARG B 130 3.87 30.78 -6.04
CA ARG B 130 3.71 32.08 -6.73
C ARG B 130 4.04 31.98 -8.21
N ASN B 131 4.96 31.10 -8.55
CA ASN B 131 5.34 30.86 -9.93
C ASN B 131 4.45 29.80 -10.64
N GLY B 132 3.39 29.30 -10.01
CA GLY B 132 2.50 28.36 -10.69
C GLY B 132 2.95 26.91 -10.80
N LYS B 133 3.86 26.50 -9.93
CA LYS B 133 4.38 25.14 -9.93
C LYS B 133 3.82 24.36 -8.73
N HIS B 134 3.61 23.08 -8.94
CA HIS B 134 3.34 22.15 -7.85
C HIS B 134 4.52 22.09 -6.91
N LEU B 135 4.23 21.74 -5.69
CA LEU B 135 5.21 21.80 -4.57
C LEU B 135 5.11 20.53 -3.74
N VAL B 136 6.16 19.74 -3.73
CA VAL B 136 6.33 18.60 -2.85
C VAL B 136 7.28 19.00 -1.75
N MET B 137 6.76 18.97 -0.53
CA MET B 137 7.50 19.41 0.66
C MET B 137 8.09 18.18 1.33
N MET B 138 9.39 18.20 1.52
CA MET B 138 10.06 17.19 2.35
C MET B 138 10.31 17.72 3.80
N ASN B 139 10.35 19.03 3.94
CA ASN B 139 10.63 19.64 5.21
C ASN B 139 9.39 19.64 6.12
N VAL B 140 9.36 18.60 6.95
CA VAL B 140 8.18 18.40 7.79
C VAL B 140 8.14 19.50 8.88
N GLU B 141 9.31 20.00 9.32
CA GLU B 141 9.32 21.06 10.31
C GLU B 141 8.62 22.33 9.80
N ALA B 142 8.85 22.69 8.54
CA ALA B 142 8.15 23.77 7.89
C ALA B 142 6.65 23.44 7.73
N ASP B 143 6.30 22.26 7.24
CA ASP B 143 4.87 21.84 7.02
C ASP B 143 4.03 21.94 8.28
N VAL B 144 4.60 21.62 9.44
CA VAL B 144 3.82 21.68 10.69
C VAL B 144 3.68 23.09 11.24
N THR B 145 4.45 24.02 10.67
CA THR B 145 4.44 25.39 11.09
C THR B 145 3.52 26.21 10.17
N ILE B 146 3.68 26.07 8.86
CA ILE B 146 3.01 26.95 7.89
C ILE B 146 2.30 26.19 6.75
N GLY B 147 2.15 24.91 6.90
CA GLY B 147 1.51 24.02 5.87
C GLY B 147 0.10 24.46 5.48
N PRO B 148 -0.76 24.76 6.46
CA PRO B 148 -2.12 25.18 6.11
C PRO B 148 -2.14 26.44 5.25
N TYR B 149 -1.25 27.38 5.55
CA TYR B 149 -1.10 28.55 4.73
C TYR B 149 -0.63 28.23 3.28
N LEU B 150 0.44 27.43 3.16
CA LEU B 150 0.95 26.96 1.86
C LEU B 150 -0.10 26.21 1.06
N LYS B 151 -0.86 25.35 1.75
CA LYS B 151 -1.95 24.63 1.11
C LYS B 151 -3.01 25.59 0.60
N ALA B 152 -3.39 26.59 1.39
CA ALA B 152 -4.40 27.55 0.95
C ALA B 152 -3.91 28.36 -0.26
N GLN B 153 -2.64 28.73 -0.28
CA GLN B 153 -2.10 29.51 -1.38
C GLN B 153 -1.97 28.65 -2.67
N ALA B 154 -1.62 27.39 -2.50
CA ALA B 154 -1.58 26.42 -3.60
C ALA B 154 -2.96 26.31 -4.24
N ASP B 155 -3.99 26.13 -3.43
CA ASP B 155 -5.37 26.09 -3.92
C ASP B 155 -5.73 27.39 -4.67
N LYS B 156 -5.37 28.57 -4.13
CA LYS B 156 -5.57 29.85 -4.85
C LYS B 156 -4.92 29.90 -6.25
N GLN B 157 -3.77 29.27 -6.40
CA GLN B 157 -3.03 29.23 -7.67
C GLN B 157 -3.34 28.01 -8.56
N GLY B 158 -4.21 27.13 -8.13
CA GLY B 158 -4.56 25.95 -8.93
C GLY B 158 -3.48 24.92 -9.05
N VAL B 159 -2.53 24.89 -8.10
CA VAL B 159 -1.47 23.89 -8.09
C VAL B 159 -1.64 22.92 -6.92
N ILE B 160 -0.89 21.83 -6.90
CA ILE B 160 -0.98 20.83 -5.82
C ILE B 160 0.19 20.95 -4.84
N TYR B 161 -0.20 20.96 -3.57
CA TYR B 161 0.72 20.83 -2.46
C TYR B 161 0.63 19.42 -1.89
N SER B 162 1.80 18.82 -1.61
CA SER B 162 1.86 17.49 -0.89
C SER B 162 3.11 17.33 -0.08
N LEU B 163 3.01 16.63 1.04
CA LEU B 163 4.24 16.08 1.64
C LEU B 163 4.74 14.97 0.72
N GLY B 164 6.05 14.78 0.64
CA GLY B 164 6.66 13.71 -0.12
C GLY B 164 6.47 12.35 0.57
N ALA B 165 6.12 11.35 -0.23
CA ALA B 165 6.09 9.95 0.24
C ALA B 165 7.44 9.51 0.78
N GLY B 166 7.39 8.45 1.59
CA GLY B 166 8.56 7.80 2.11
C GLY B 166 9.05 8.18 3.50
N ASP B 167 8.46 9.22 4.07
CA ASP B 167 8.76 9.58 5.46
C ASP B 167 7.61 9.07 6.31
N GLU B 168 7.84 8.84 7.60
CA GLU B 168 6.77 8.28 8.45
C GLU B 168 5.37 8.92 8.32
N PRO B 169 5.25 10.27 8.31
CA PRO B 169 3.89 10.83 8.27
C PRO B 169 3.12 10.46 7.02
N SER B 170 3.77 10.52 5.86
CA SER B 170 3.07 10.18 4.60
C SER B 170 2.85 8.67 4.42
N SER B 171 3.78 7.82 4.95
CA SER B 171 3.66 6.41 4.87
C SER B 171 2.48 6.00 5.73
N CYS B 172 2.37 6.62 6.90
CA CYS B 172 1.26 6.33 7.79
C CYS B 172 -0.14 6.72 7.18
N MET B 173 -0.16 7.81 6.40
CA MET B 173 -1.38 8.21 5.67
C MET B 173 -1.89 7.13 4.70
N GLU B 174 -0.97 6.32 4.14
CA GLU B 174 -1.37 5.17 3.28
C GLU B 174 -2.22 4.18 4.08
N LEU B 175 -1.85 3.91 5.33
CA LEU B 175 -2.60 3.00 6.23
C LEU B 175 -3.91 3.63 6.66
N ILE B 176 -3.87 4.89 7.02
CA ILE B 176 -5.07 5.62 7.47
C ILE B 176 -6.16 5.65 6.35
N GLU B 177 -5.73 5.95 5.15
CA GLU B 177 -6.65 5.91 3.95
C GLU B 177 -7.30 4.52 3.81
N PHE B 178 -6.49 3.45 3.95
CA PHE B 178 -6.98 2.08 3.76
C PHE B 178 -8.00 1.73 4.86
N VAL B 179 -7.62 1.89 6.12
CA VAL B 179 -8.56 1.54 7.23
C VAL B 179 -9.87 2.38 7.22
N SER B 180 -9.76 3.67 6.91
CA SER B 180 -10.90 4.57 6.89
C SER B 180 -11.80 4.42 5.70
N ALA B 181 -11.26 4.04 4.54
CA ALA B 181 -12.06 3.72 3.35
C ALA B 181 -12.94 2.49 3.64
N LEU B 182 -12.41 1.56 4.46
CA LEU B 182 -13.17 0.38 4.89
C LEU B 182 -14.17 0.64 6.00
N GLY B 183 -14.20 1.87 6.52
CA GLY B 183 -15.19 2.22 7.54
C GLY B 183 -14.80 1.84 8.95
N TYR B 184 -13.54 1.49 9.17
CA TYR B 184 -13.06 1.09 10.47
C TYR B 184 -12.59 2.27 11.34
N GLU B 185 -12.78 2.14 12.65
CA GLU B 185 -12.30 3.11 13.65
C GLU B 185 -10.76 3.10 13.79
N VAL B 186 -10.16 4.27 13.59
CA VAL B 186 -8.71 4.50 13.79
C VAL B 186 -8.54 4.88 15.24
N VAL B 187 -7.96 3.96 16.01
CA VAL B 187 -7.82 4.07 17.48
C VAL B 187 -6.50 4.87 17.76
N SER B 188 -5.42 4.45 17.11
CA SER B 188 -4.10 5.04 17.25
C SER B 188 -3.33 4.85 15.98
N ALA B 189 -2.42 5.76 15.74
CA ALA B 189 -1.56 5.73 14.54
C ALA B 189 -0.21 6.31 14.94
N GLY B 190 0.84 5.75 14.38
CA GLY B 190 2.14 6.43 14.54
C GLY B 190 3.33 5.61 14.04
N LYS B 191 4.46 5.77 14.74
CA LYS B 191 5.72 5.12 14.36
C LYS B 191 6.38 4.47 15.59
N GLY B 192 7.46 3.76 15.38
CA GLY B 192 8.25 3.25 16.52
C GLY B 192 9.68 3.74 16.52
N LYS B 193 10.33 3.55 17.68
CA LYS B 193 11.76 3.67 17.86
C LYS B 193 12.32 2.44 18.58
N ASN B 194 13.52 1.99 18.22
CA ASN B 194 14.05 0.77 18.79
C ASN B 194 14.41 0.97 20.24
N ASN B 195 15.02 2.13 20.50
CA ASN B 195 15.50 2.44 21.85
C ASN B 195 14.87 3.73 22.44
N PRO B 196 14.85 3.79 23.79
CA PRO B 196 14.27 4.95 24.45
C PRO B 196 14.89 6.27 24.02
N LEU B 197 14.12 7.34 24.13
CA LEU B 197 14.60 8.70 23.89
C LEU B 197 15.59 9.12 24.99
N ASN B 198 16.45 10.07 24.69
CA ASN B 198 17.34 10.72 25.65
C ASN B 198 17.13 12.23 25.42
N PHE B 199 16.21 12.77 26.21
CA PHE B 199 15.85 14.20 26.16
C PHE B 199 17.00 15.13 26.39
N ASP B 200 18.04 14.68 27.10
CA ASP B 200 19.19 15.54 27.42
C ASP B 200 20.33 15.45 26.40
N ALA B 201 20.15 14.68 25.33
CA ALA B 201 21.21 14.57 24.32
C ALA B 201 21.64 15.89 23.69
N THR B 202 22.95 16.00 23.41
CA THR B 202 23.49 17.11 22.70
C THR B 202 24.54 16.72 21.63
N PRO B 203 25.03 17.71 20.84
CA PRO B 203 26.04 17.25 19.87
C PRO B 203 27.30 16.69 20.52
N ASP B 204 27.56 17.03 21.81
CA ASP B 204 28.75 16.51 22.51
C ASP B 204 28.70 14.98 22.59
N ASP B 205 27.51 14.46 22.69
CA ASP B 205 27.25 13.01 22.83
C ASP B 205 27.40 12.26 21.50
N TYR B 206 27.31 12.97 20.36
CA TYR B 206 27.19 12.34 19.04
C TYR B 206 28.24 12.69 18.01
N ARG B 207 29.24 13.43 18.40
CA ARG B 207 30.17 13.91 17.42
C ARG B 207 31.02 12.75 16.85
N GLN B 208 31.30 11.72 17.64
CA GLN B 208 31.95 10.56 17.10
C GLN B 208 31.12 9.74 16.07
N GLU B 209 29.83 9.49 16.33
CA GLU B 209 28.97 8.83 15.35
C GLU B 209 28.77 9.69 14.10
N ALA B 210 28.60 11.02 14.28
CA ALA B 210 28.45 11.93 13.14
C ALA B 210 29.72 11.91 12.29
N ASP B 211 30.88 11.93 12.94
CA ASP B 211 32.13 11.90 12.22
C ASP B 211 32.31 10.58 11.42
N ARG B 212 32.17 9.42 12.08
CA ARG B 212 32.37 8.16 11.35
C ARG B 212 31.27 7.93 10.29
N ARG B 213 30.04 8.38 10.51
CA ARG B 213 28.98 8.20 9.49
C ARG B 213 28.93 9.32 8.43
N ASN B 214 29.90 10.23 8.50
CA ASN B 214 29.97 11.45 7.66
C ASN B 214 28.59 12.10 7.54
N MET B 215 27.97 12.36 8.68
CA MET B 215 26.62 12.89 8.67
C MET B 215 26.46 14.06 9.62
N ASN B 216 25.39 14.84 9.40
CA ASN B 216 25.14 16.04 10.21
C ASN B 216 24.72 15.64 11.62
N VAL B 217 25.56 16.03 12.59
CA VAL B 217 25.32 15.65 13.99
C VAL B 217 23.95 16.11 14.45
N ARG B 218 23.43 17.22 13.90
CA ARG B 218 22.05 17.67 14.29
C ARG B 218 20.93 16.67 14.01
N LEU B 219 21.10 15.89 12.95
CA LEU B 219 20.16 14.82 12.65
C LEU B 219 20.14 13.70 13.70
N LEU B 220 21.30 13.39 14.30
CA LEU B 220 21.37 12.33 15.34
C LEU B 220 20.69 12.88 16.58
N VAL B 221 21.06 14.11 16.94
CA VAL B 221 20.54 14.69 18.15
C VAL B 221 19.01 14.77 18.10
N GLU B 222 18.45 15.29 16.98
CA GLU B 222 17.01 15.45 16.88
C GLU B 222 16.23 14.14 16.86
N PHE B 223 16.73 13.10 16.34
CA PHE B 223 16.34 11.72 16.47
C PHE B 223 16.30 11.26 17.97
N ILE B 224 17.34 11.36 18.68
CA ILE B 224 17.50 10.83 20.02
C ILE B 224 16.68 11.59 21.09
N ASP B 225 16.66 12.92 20.97
CA ASP B 225 15.98 13.76 21.96
C ASP B 225 14.45 13.87 21.76
N GLY B 226 13.93 13.22 20.74
CA GLY B 226 12.49 13.19 20.49
C GLY B 226 11.91 14.16 19.50
N SER B 227 12.69 15.13 19.07
CA SER B 227 12.14 16.24 18.26
C SER B 227 11.55 15.77 16.92
N LYS B 228 12.27 14.91 16.21
CA LYS B 228 11.78 14.44 14.97
C LYS B 228 10.46 13.67 15.12
N THR B 229 10.36 12.89 16.18
CA THR B 229 9.14 12.09 16.44
C THR B 229 7.96 13.03 16.73
N MET B 230 8.19 14.09 17.52
CA MET B 230 7.14 15.05 17.79
C MET B 230 6.60 15.73 16.53
N VAL B 231 7.51 16.14 15.64
CA VAL B 231 7.17 16.78 14.40
C VAL B 231 6.38 15.82 13.49
N GLU B 232 6.90 14.60 13.35
CA GLU B 232 6.28 13.64 12.45
C GLU B 232 4.86 13.25 12.95
N MET B 233 4.70 13.09 14.23
CA MET B 233 3.37 12.77 14.77
C MET B 233 2.39 13.96 14.66
N ALA B 234 2.89 15.18 14.79
CA ALA B 234 2.06 16.38 14.61
C ALA B 234 1.56 16.47 13.16
N ALA B 235 2.41 16.13 12.18
CA ALA B 235 2.03 16.16 10.79
C ALA B 235 0.83 15.20 10.57
N ILE B 236 0.95 14.01 11.09
CA ILE B 236 -0.17 13.04 11.00
C ILE B 236 -1.44 13.60 11.63
N ALA B 237 -1.32 14.15 12.83
CA ALA B 237 -2.47 14.69 13.58
C ALA B 237 -3.13 15.82 12.71
N ASN B 238 -2.30 16.71 12.17
CA ASN B 238 -2.84 17.87 11.44
C ASN B 238 -3.41 17.54 10.07
N ALA B 239 -3.23 16.30 9.60
CA ALA B 239 -3.78 15.76 8.35
C ALA B 239 -5.02 14.91 8.55
N THR B 240 -5.31 14.59 9.80
CA THR B 240 -6.37 13.59 10.17
C THR B 240 -7.41 14.04 11.17
N GLY B 241 -7.03 14.89 12.12
CA GLY B 241 -7.84 15.11 13.32
C GLY B 241 -7.56 14.23 14.53
N LEU B 242 -6.69 13.25 14.37
CA LEU B 242 -6.12 12.50 15.49
C LEU B 242 -5.35 13.49 16.37
N VAL B 243 -5.35 13.31 17.71
CA VAL B 243 -4.66 14.23 18.63
C VAL B 243 -3.69 13.47 19.56
N PRO B 244 -2.64 14.13 20.08
CA PRO B 244 -1.85 13.53 21.13
C PRO B 244 -2.72 13.42 22.39
N ASP B 245 -2.69 12.25 23.04
CA ASP B 245 -3.58 11.97 24.24
C ASP B 245 -3.16 12.81 25.42
N ILE B 246 -1.88 13.13 25.48
CA ILE B 246 -1.23 13.89 26.53
C ILE B 246 -0.06 14.66 25.82
N ALA B 247 0.30 15.83 26.36
CA ALA B 247 1.37 16.63 25.78
C ALA B 247 2.57 15.71 25.76
N GLY B 248 3.28 15.64 24.61
CA GLY B 248 4.42 14.77 24.49
C GLY B 248 4.14 13.37 24.07
N MET B 249 2.88 12.97 24.14
CA MET B 249 2.52 11.57 23.87
C MET B 249 2.99 10.55 24.93
N HIS B 250 2.37 9.36 24.93
CA HIS B 250 2.73 8.36 25.93
C HIS B 250 4.06 7.67 25.67
N GLY B 251 4.28 7.26 24.45
CA GLY B 251 5.57 6.67 24.07
C GLY B 251 5.91 5.43 24.89
N PRO B 252 4.90 4.54 25.06
CA PRO B 252 5.09 3.40 25.87
C PRO B 252 6.02 2.42 25.26
N ARG B 253 6.49 1.58 26.17
CA ARG B 253 7.18 0.36 25.83
C ARG B 253 6.22 -0.64 25.18
N ALA B 254 6.48 -0.97 23.91
CA ALA B 254 5.62 -1.93 23.21
C ALA B 254 6.24 -2.46 21.91
N SER B 255 6.36 -3.78 21.81
CA SER B 255 6.81 -4.42 20.59
C SER B 255 5.65 -4.33 19.60
N ILE B 256 5.96 -4.66 18.34
CA ILE B 256 4.95 -4.71 17.27
C ILE B 256 3.76 -5.57 17.67
N ASP B 257 4.00 -6.67 18.36
CA ASP B 257 2.95 -7.58 18.78
C ASP B 257 2.14 -7.15 19.98
N GLN B 258 2.52 -6.06 20.63
CA GLN B 258 1.85 -5.54 21.84
C GLN B 258 1.09 -4.26 21.59
N LEU B 259 1.24 -3.67 20.39
CA LEU B 259 0.57 -2.38 20.09
C LEU B 259 -0.95 -2.43 20.34
N SER B 260 -1.58 -3.52 19.93
CA SER B 260 -3.02 -3.59 19.98
C SER B 260 -3.59 -3.90 21.35
N HIS B 261 -2.74 -4.11 22.34
CA HIS B 261 -3.19 -4.14 23.73
C HIS B 261 -2.59 -3.03 24.60
N THR B 262 -1.88 -2.09 23.95
CA THR B 262 -1.18 -1.01 24.66
C THR B 262 -1.66 0.37 24.21
N LEU B 263 -1.59 0.62 22.89
CA LEU B 263 -2.10 1.92 22.33
C LEU B 263 -3.58 1.86 22.01
N ILE B 264 -4.34 1.60 23.07
CA ILE B 264 -5.78 1.48 23.03
C ILE B 264 -6.28 2.12 24.39
N PRO B 265 -7.60 2.34 24.55
CA PRO B 265 -8.14 2.89 25.80
C PRO B 265 -7.86 2.10 27.06
N GLN B 266 -7.61 2.85 28.12
CA GLN B 266 -7.35 2.34 29.45
C GLN B 266 -8.40 1.36 29.94
N ALA B 267 -9.65 1.58 29.53
CA ALA B 267 -10.77 0.75 29.91
C ALA B 267 -10.56 -0.68 29.40
N GLU B 268 -9.84 -0.85 28.30
CA GLU B 268 -9.64 -2.16 27.69
C GLU B 268 -8.21 -2.66 27.96
N GLY B 269 -7.56 -2.03 28.94
CA GLY B 269 -6.23 -2.39 29.42
C GLY B 269 -5.06 -1.61 28.83
N GLY B 270 -5.34 -0.65 27.95
CA GLY B 270 -4.26 0.11 27.33
C GLY B 270 -3.94 1.36 28.16
N VAL B 271 -3.23 2.30 27.56
CA VAL B 271 -2.76 3.50 28.19
C VAL B 271 -3.50 4.78 27.85
N LEU B 272 -4.41 4.75 26.88
CA LEU B 272 -5.03 5.96 26.35
C LEU B 272 -6.30 6.39 27.10
N SER B 273 -6.51 7.69 27.24
CA SER B 273 -7.76 8.18 27.85
C SER B 273 -8.97 8.12 26.92
N LYS B 274 -8.69 7.95 25.62
CA LYS B 274 -9.72 8.00 24.59
C LYS B 274 -9.12 7.43 23.33
N SER B 275 -10.02 7.06 22.41
CA SER B 275 -9.63 6.57 21.07
C SER B 275 -9.45 7.76 20.11
N GLY B 276 -8.58 7.62 19.13
CA GLY B 276 -8.38 8.62 18.07
C GLY B 276 -7.14 9.46 18.30
N VAL B 277 -5.99 8.79 18.45
CA VAL B 277 -4.77 9.48 18.82
C VAL B 277 -3.61 9.23 17.86
N VAL B 278 -2.60 10.12 17.93
CA VAL B 278 -1.28 9.83 17.42
C VAL B 278 -0.38 9.55 18.61
N ASP B 279 0.46 8.51 18.48
CA ASP B 279 1.42 8.15 19.54
C ASP B 279 2.58 7.39 18.91
N TYR B 280 3.51 6.86 19.68
CA TYR B 280 4.59 6.08 19.14
C TYR B 280 5.00 5.02 20.18
N SER B 281 5.79 4.03 19.77
CA SER B 281 6.33 3.04 20.73
C SER B 281 7.80 2.90 20.68
N ILE B 282 8.29 2.44 21.83
CA ILE B 282 9.68 2.16 22.10
C ILE B 282 9.68 0.63 22.28
N GLY B 283 10.31 -0.02 21.33
CA GLY B 283 10.40 -1.48 21.37
C GLY B 283 10.71 -2.07 20.02
N LYS B 284 10.87 -3.39 20.02
CA LYS B 284 11.36 -4.10 18.83
C LYS B 284 10.34 -4.33 17.74
N GLY B 285 10.81 -4.24 16.48
CA GLY B 285 10.02 -4.72 15.34
C GLY B 285 9.06 -3.71 14.74
N VAL B 286 8.92 -2.50 15.31
CA VAL B 286 8.01 -1.49 14.73
C VAL B 286 8.75 -0.65 13.67
N SER B 287 9.92 -0.16 14.02
CA SER B 287 10.76 0.58 13.08
CA SER B 287 10.72 0.58 13.06
C SER B 287 11.58 -0.41 12.25
N PRO B 288 11.88 -0.12 11.01
CA PRO B 288 11.46 1.02 10.22
C PRO B 288 9.99 0.70 9.89
N GLY B 289 9.16 1.68 10.00
CA GLY B 289 7.80 1.54 9.45
C GLY B 289 6.85 2.27 10.37
N VAL B 290 5.55 2.07 10.09
CA VAL B 290 4.49 2.86 10.66
C VAL B 290 3.31 1.91 10.92
N PHE B 291 2.42 2.35 11.80
CA PHE B 291 1.27 1.49 12.23
C PHE B 291 -0.05 2.27 12.40
N VAL B 292 -1.15 1.53 12.31
CA VAL B 292 -2.48 1.99 12.73
C VAL B 292 -3.07 0.85 13.51
N VAL B 293 -3.61 1.19 14.69
CA VAL B 293 -4.47 0.23 15.42
C VAL B 293 -5.89 0.55 15.11
N ALA B 294 -6.65 -0.45 14.64
CA ALA B 294 -8.04 -0.21 14.22
C ALA B 294 -8.92 -1.11 15.08
N LYS B 295 -10.17 -0.67 15.23
CA LYS B 295 -11.19 -1.42 15.94
C LYS B 295 -12.30 -1.90 15.02
N MET B 296 -12.67 -3.17 15.21
CA MET B 296 -13.84 -3.74 14.55
C MET B 296 -15.08 -3.58 15.43
N ASP B 297 -16.24 -3.28 14.84
CA ASP B 297 -17.47 -3.11 15.61
C ASP B 297 -18.58 -4.04 15.14
N HIS B 298 -18.17 -5.14 14.50
CA HIS B 298 -19.10 -6.20 14.06
C HIS B 298 -18.45 -7.55 14.36
N PRO B 299 -19.16 -8.44 15.01
CA PRO B 299 -18.67 -9.80 15.37
C PRO B 299 -18.16 -10.63 14.17
N ARG B 300 -18.82 -10.53 13.03
CA ARG B 300 -18.34 -11.29 11.85
C ARG B 300 -17.00 -10.80 11.32
N LEU B 301 -16.79 -9.50 11.32
CA LEU B 301 -15.51 -8.92 10.90
C LEU B 301 -14.40 -9.28 11.89
N ASN B 302 -14.70 -9.21 13.21
CA ASN B 302 -13.77 -9.64 14.26
C ASN B 302 -13.35 -11.09 14.01
N GLU B 303 -14.32 -11.94 13.77
CA GLU B 303 -14.13 -13.35 13.54
C GLU B 303 -13.30 -13.65 12.29
N ARG B 304 -13.53 -12.90 11.21
CA ARG B 304 -12.70 -13.09 10.01
C ARG B 304 -11.22 -12.68 10.26
N LEU B 305 -10.97 -11.54 10.89
CA LEU B 305 -9.59 -11.11 11.16
C LEU B 305 -8.87 -12.08 12.11
N GLU B 306 -9.61 -12.62 13.07
CA GLU B 306 -9.07 -13.67 13.99
C GLU B 306 -8.75 -14.93 13.22
N ASP B 307 -9.62 -15.39 12.31
CA ASP B 307 -9.33 -16.63 11.51
C ASP B 307 -8.14 -16.46 10.58
N LEU B 308 -7.94 -15.23 10.08
CA LEU B 308 -6.77 -14.90 9.26
C LEU B 308 -5.50 -14.68 10.10
N LYS B 309 -5.63 -14.67 11.43
CA LYS B 309 -4.49 -14.54 12.33
C LYS B 309 -3.87 -13.16 12.25
N ILE B 310 -4.71 -12.18 11.98
CA ILE B 310 -4.30 -10.77 12.01
C ILE B 310 -4.18 -10.27 13.48
N GLY B 311 -4.92 -10.88 14.41
CA GLY B 311 -4.79 -10.57 15.86
C GLY B 311 -5.96 -11.16 16.62
N LYS B 312 -6.15 -10.69 17.85
CA LYS B 312 -7.27 -11.07 18.69
C LYS B 312 -8.01 -9.78 18.98
N GLY B 313 -9.28 -9.73 18.61
CA GLY B 313 -10.04 -8.50 18.60
C GLY B 313 -10.53 -8.01 19.93
N PRO B 314 -11.14 -6.83 19.93
CA PRO B 314 -11.63 -6.11 18.75
C PRO B 314 -10.60 -5.15 18.11
N TYR B 315 -9.39 -5.10 18.67
CA TYR B 315 -8.32 -4.20 18.19
C TYR B 315 -7.30 -5.00 17.39
N PHE B 316 -6.87 -4.43 16.26
CA PHE B 316 -5.98 -5.10 15.29
C PHE B 316 -4.94 -4.11 14.80
N THR B 317 -3.73 -4.60 14.60
CA THR B 317 -2.57 -3.75 14.17
C THR B 317 -2.28 -3.95 12.67
N PHE B 318 -2.31 -2.84 11.93
CA PHE B 318 -1.90 -2.77 10.55
C PHE B 318 -0.54 -2.12 10.44
N HIS B 319 0.47 -2.84 9.92
CA HIS B 319 1.86 -2.31 9.88
C HIS B 319 2.36 -2.23 8.47
N ARG B 320 3.08 -1.14 8.16
CA ARG B 320 3.86 -1.05 6.91
C ARG B 320 5.33 -1.05 7.35
N PRO B 321 6.02 -2.15 7.18
CA PRO B 321 7.29 -2.41 7.86
C PRO B 321 8.44 -1.73 7.14
N TYR B 322 8.19 -0.77 6.27
CA TYR B 322 9.33 -0.04 5.57
C TYR B 322 8.88 1.36 5.24
N HIS B 323 9.84 2.26 5.05
CA HIS B 323 9.56 3.57 4.44
C HIS B 323 10.94 3.91 3.81
N LEU B 324 10.97 4.39 2.58
CA LEU B 324 12.30 4.49 1.93
C LEU B 324 12.88 5.90 1.88
N THR B 325 12.27 6.81 2.62
CA THR B 325 12.64 8.23 2.70
C THR B 325 12.65 8.86 1.34
N SER B 326 13.76 9.49 0.98
CA SER B 326 13.79 10.28 -0.25
CA SER B 326 13.88 10.26 -0.26
C SER B 326 13.56 9.45 -1.50
N LEU B 327 13.83 8.14 -1.44
CA LEU B 327 13.64 7.29 -2.60
C LEU B 327 12.15 7.23 -3.10
N GLU B 328 11.18 7.38 -2.21
CA GLU B 328 9.77 7.30 -2.62
C GLU B 328 9.27 8.63 -3.11
N VAL B 329 10.04 9.74 -2.95
CA VAL B 329 9.47 11.07 -3.28
C VAL B 329 9.12 11.17 -4.79
N PRO B 330 9.90 10.55 -5.69
CA PRO B 330 9.48 10.58 -7.11
C PRO B 330 8.08 9.94 -7.40
N LEU B 331 7.65 8.94 -6.61
CA LEU B 331 6.26 8.42 -6.66
C LEU B 331 5.23 9.54 -6.38
N THR B 332 5.48 10.41 -5.40
CA THR B 332 4.60 11.55 -5.14
C THR B 332 4.57 12.45 -6.32
N VAL B 333 5.74 12.81 -6.83
CA VAL B 333 5.84 13.62 -8.03
C VAL B 333 5.02 13.03 -9.19
N ALA B 334 5.15 11.72 -9.44
CA ALA B 334 4.37 11.08 -10.47
C ALA B 334 2.81 11.16 -10.25
N ARG B 335 2.37 10.90 -9.05
CA ARG B 335 0.95 10.96 -8.73
C ARG B 335 0.40 12.38 -8.87
N VAL B 336 1.20 13.36 -8.46
CA VAL B 336 0.80 14.75 -8.56
C VAL B 336 0.61 15.16 -10.01
N VAL B 337 1.63 14.99 -10.86
CA VAL B 337 1.56 15.38 -12.24
C VAL B 337 0.67 14.54 -13.11
N LEU B 338 0.76 13.21 -12.99
CA LEU B 338 -0.03 12.34 -13.85
C LEU B 338 -1.52 12.27 -13.47
N HIS B 339 -1.82 12.31 -12.17
CA HIS B 339 -3.17 12.00 -11.73
C HIS B 339 -3.86 13.13 -10.96
N GLY B 340 -3.12 14.19 -10.74
CA GLY B 340 -3.53 15.29 -9.88
C GLY B 340 -3.88 14.99 -8.46
N LYS B 341 -3.21 14.01 -7.87
CA LYS B 341 -3.54 13.58 -6.52
C LYS B 341 -2.41 14.01 -5.59
N THR B 342 -2.74 14.49 -4.41
CA THR B 342 -1.75 14.72 -3.36
C THR B 342 -1.58 13.44 -2.52
N ASP B 343 -0.40 13.24 -1.94
CA ASP B 343 -0.18 12.14 -1.02
C ASP B 343 -0.51 12.51 0.46
N MET B 344 -0.52 13.81 0.77
CA MET B 344 -0.72 14.28 2.14
C MET B 344 -0.77 15.79 2.22
N VAL B 345 -1.86 16.30 2.78
CA VAL B 345 -2.01 17.72 3.01
C VAL B 345 -2.50 17.95 4.43
N PRO B 346 -2.14 19.10 4.99
CA PRO B 346 -2.76 19.47 6.26
C PRO B 346 -4.22 19.85 6.11
N LEU B 347 -4.96 19.59 7.18
CA LEU B 347 -6.33 20.09 7.23
C LEU B 347 -6.34 21.62 7.40
N PRO B 348 -7.47 22.25 7.09
CA PRO B 348 -7.51 23.72 7.20
C PRO B 348 -7.34 24.24 8.63
N LYS B 349 -7.85 23.47 9.60
CA LYS B 349 -7.74 23.78 11.05
C LYS B 349 -6.80 22.83 11.78
N PRO B 350 -5.58 23.29 12.11
CA PRO B 350 -4.68 22.39 12.88
C PRO B 350 -5.28 21.99 14.21
N VAL B 351 -4.98 20.76 14.62
CA VAL B 351 -5.37 20.25 15.92
C VAL B 351 -4.22 20.09 16.88
N ALA B 352 -2.97 20.02 16.37
CA ALA B 352 -1.75 19.88 17.17
C ALA B 352 -0.74 20.98 16.83
N GLU B 353 0.09 21.31 17.81
CA GLU B 353 1.21 22.29 17.69
C GLU B 353 2.48 21.61 18.15
N VAL B 354 3.54 21.73 17.37
CA VAL B 354 4.88 21.39 17.87
C VAL B 354 5.43 22.61 18.60
N CYS B 355 5.51 22.45 19.90
CA CYS B 355 6.06 23.47 20.84
C CYS B 355 7.49 23.01 21.21
N ALA B 356 8.11 23.65 22.20
CA ALA B 356 9.45 23.37 22.55
C ALA B 356 9.68 23.53 24.01
N VAL B 357 10.55 22.69 24.53
CA VAL B 357 11.00 22.75 25.90
C VAL B 357 12.53 22.92 25.98
N ALA B 358 12.99 23.67 26.98
CA ALA B 358 14.39 23.91 27.17
C ALA B 358 15.16 22.66 27.58
N LYS B 359 16.33 22.48 27.00
CA LYS B 359 17.23 21.42 27.40
C LYS B 359 18.18 21.83 28.48
N LYS B 360 18.22 23.13 28.77
CA LYS B 360 19.12 23.64 29.82
C LYS B 360 18.60 24.95 30.37
N ASP B 361 19.11 25.38 31.52
CA ASP B 361 18.77 26.69 32.09
C ASP B 361 19.34 27.76 31.15
N MET B 362 18.54 28.78 30.87
CA MET B 362 18.98 29.95 30.07
C MET B 362 18.60 31.28 30.72
N GLN B 363 19.44 32.30 30.51
CA GLN B 363 19.27 33.64 31.07
C GLN B 363 18.82 34.64 30.01
N PRO B 364 18.11 35.71 30.40
CA PRO B 364 17.74 36.74 29.44
C PRO B 364 18.95 37.25 28.66
N GLY B 365 18.79 37.36 27.33
CA GLY B 365 19.84 37.88 26.48
C GLY B 365 20.61 36.80 25.78
N GLU B 366 20.53 35.58 26.26
CA GLU B 366 21.03 34.44 25.51
C GLU B 366 20.15 34.23 24.26
N HIS B 367 20.73 33.60 23.23
CA HIS B 367 19.98 33.19 22.05
C HIS B 367 19.71 31.71 22.08
N LEU B 368 18.51 31.31 21.68
CA LEU B 368 18.26 29.93 21.43
C LEU B 368 19.01 29.55 20.16
N ASP B 369 19.52 28.30 20.09
CA ASP B 369 20.37 27.87 18.96
C ASP B 369 19.55 27.31 17.82
N ALA B 370 19.38 26.00 17.73
CA ALA B 370 18.67 25.39 16.61
C ALA B 370 18.28 23.99 17.10
N ILE B 371 17.33 23.38 16.45
CA ILE B 371 16.94 22.01 16.85
C ILE B 371 18.09 21.10 16.55
N GLY B 372 18.28 20.10 17.42
CA GLY B 372 19.39 19.15 17.30
C GLY B 372 20.73 19.67 17.85
N GLN B 373 20.64 20.71 18.67
CA GLN B 373 21.79 21.28 19.31
C GLN B 373 21.59 21.27 20.85
N TYR B 374 21.87 22.40 21.52
CA TYR B 374 21.98 22.42 22.96
C TYR B 374 20.83 23.00 23.77
N CYS B 375 19.97 23.86 23.17
CA CYS B 375 19.09 24.71 23.95
C CYS B 375 17.69 24.18 24.08
N TYR B 376 17.16 23.51 23.06
CA TYR B 376 15.74 23.11 23.12
C TYR B 376 15.41 21.91 22.28
N ARG B 377 14.26 21.32 22.60
CA ARG B 377 13.80 20.12 21.90
C ARG B 377 12.27 20.26 21.71
N SER B 378 11.73 19.69 20.63
CA SER B 378 10.32 19.80 20.31
C SER B 378 9.41 18.97 21.28
N TRP B 379 8.14 19.34 21.34
CA TRP B 379 7.19 18.74 22.30
C TRP B 379 5.82 18.98 21.74
N ILE B 380 5.10 17.92 21.38
CA ILE B 380 3.79 18.06 20.77
C ILE B 380 2.71 18.39 21.84
N MET B 381 1.83 19.34 21.51
CA MET B 381 0.65 19.63 22.31
C MET B 381 -0.55 19.76 21.41
N THR B 382 -1.74 19.68 22.00
CA THR B 382 -2.95 20.06 21.31
C THR B 382 -2.93 21.59 21.08
N VAL B 383 -3.57 22.06 20.02
CA VAL B 383 -3.69 23.57 19.81
C VAL B 383 -4.29 24.35 20.99
N PRO B 384 -5.46 23.94 21.50
CA PRO B 384 -5.94 24.59 22.71
C PRO B 384 -4.98 24.64 23.91
N GLU B 385 -4.23 23.58 24.19
CA GLU B 385 -3.26 23.66 25.30
C GLU B 385 -2.09 24.57 24.96
N ALA B 386 -1.64 24.52 23.73
CA ALA B 386 -0.54 25.40 23.26
C ALA B 386 -0.93 26.85 23.42
N ARG B 387 -2.11 27.20 22.92
CA ARG B 387 -2.61 28.57 23.03
C ARG B 387 -2.73 29.03 24.47
N ALA B 388 -3.29 28.17 25.33
CA ALA B 388 -3.45 28.56 26.74
C ALA B 388 -2.10 28.89 27.40
N ALA B 389 -1.04 28.22 27.00
CA ALA B 389 0.30 28.46 27.58
C ALA B 389 1.08 29.52 26.81
N LYS B 390 0.48 30.09 25.75
CA LYS B 390 1.19 31.00 24.82
C LYS B 390 2.50 30.42 24.26
N ALA B 391 2.47 29.13 23.91
CA ALA B 391 3.66 28.43 23.50
C ALA B 391 4.09 28.95 22.12
N ILE B 392 5.40 29.08 21.89
CA ILE B 392 5.85 29.48 20.54
C ILE B 392 5.99 28.21 19.67
N PRO B 393 5.41 28.22 18.47
CA PRO B 393 5.67 27.07 17.54
C PRO B 393 7.16 26.85 17.39
N CYS B 394 7.57 25.60 17.50
CA CYS B 394 8.99 25.27 17.55
C CYS B 394 9.73 25.79 16.27
N GLY B 395 9.07 25.74 15.11
CA GLY B 395 9.70 26.11 13.85
C GLY B 395 10.18 27.58 13.77
N LEU B 396 9.68 28.42 14.68
CA LEU B 396 10.02 29.85 14.76
C LEU B 396 11.21 30.19 15.61
N LEU B 397 11.77 29.20 16.30
CA LEU B 397 12.72 29.49 17.38
C LEU B 397 14.19 29.61 17.06
N GLN B 398 14.65 29.24 15.87
CA GLN B 398 16.09 29.22 15.64
C GLN B 398 16.67 30.63 15.76
N ASN B 399 17.72 30.79 16.58
CA ASN B 399 18.34 32.10 16.81
C ASN B 399 17.42 33.13 17.53
N GLY B 400 16.37 32.65 18.20
CA GLY B 400 15.47 33.51 18.96
C GLY B 400 16.19 34.04 20.20
N THR B 401 15.59 35.01 20.85
CA THR B 401 16.18 35.72 21.98
C THR B 401 15.44 35.28 23.25
N VAL B 402 16.16 34.89 24.31
CA VAL B 402 15.60 34.64 25.62
C VAL B 402 15.33 35.99 26.31
N ILE B 403 14.10 36.19 26.79
CA ILE B 403 13.68 37.43 27.40
C ILE B 403 13.33 37.34 28.91
N ALA B 404 13.19 36.12 29.45
CA ALA B 404 12.97 35.90 30.87
C ALA B 404 13.71 34.60 31.20
N PRO B 405 14.12 34.40 32.47
CA PRO B 405 14.84 33.18 32.79
C PRO B 405 14.00 31.94 32.43
N ILE B 406 14.65 30.94 31.87
CA ILE B 406 14.06 29.65 31.51
C ILE B 406 14.82 28.51 32.21
N LYS B 407 14.09 27.59 32.82
CA LYS B 407 14.69 26.46 33.50
C LYS B 407 14.65 25.23 32.59
N LYS B 408 15.62 24.34 32.74
CA LYS B 408 15.63 23.08 32.01
C LYS B 408 14.27 22.41 32.19
N GLY B 409 13.67 21.97 31.09
CA GLY B 409 12.37 21.27 31.14
C GLY B 409 11.14 22.18 30.99
N GLU B 410 11.34 23.50 30.97
CA GLU B 410 10.27 24.46 30.90
C GLU B 410 9.82 24.73 29.47
N LEU B 411 8.52 24.92 29.26
CA LEU B 411 8.01 25.31 27.93
C LEU B 411 8.54 26.69 27.50
N ILE B 412 8.92 26.83 26.25
CA ILE B 412 9.31 28.08 25.65
C ILE B 412 8.06 28.81 25.09
N THR B 413 7.81 30.02 25.60
CA THR B 413 6.57 30.75 25.36
C THR B 413 6.87 32.19 24.99
N TYR B 414 5.86 32.92 24.52
CA TYR B 414 6.00 34.36 24.21
C TYR B 414 6.26 35.16 25.49
N ALA B 415 6.09 34.56 26.66
CA ALA B 415 6.49 35.22 27.90
C ALA B 415 8.02 35.16 28.22
N ASN B 416 8.76 34.16 27.76
CA ASN B 416 10.21 34.00 28.09
C ASN B 416 11.11 34.00 26.85
N ALA B 417 10.52 34.08 25.66
CA ALA B 417 11.35 34.15 24.44
C ALA B 417 10.69 34.95 23.30
N ALA B 418 11.50 35.36 22.30
CA ALA B 418 11.04 36.15 21.17
C ALA B 418 11.69 35.61 19.90
N PRO B 419 10.92 35.12 18.93
CA PRO B 419 11.53 34.72 17.66
C PRO B 419 12.19 35.85 16.93
N GLN B 420 13.12 35.53 16.07
CA GLN B 420 13.62 36.55 15.14
C GLN B 420 12.43 37.00 14.27
N PRO B 421 12.10 38.28 14.30
CA PRO B 421 10.82 38.75 13.66
C PRO B 421 10.81 38.75 12.11
N GLY B 422 11.99 38.92 11.52
CA GLY B 422 12.15 39.14 10.08
C GLY B 422 12.12 37.90 9.21
N SER B 423 12.04 36.69 9.80
CA SER B 423 12.08 35.43 9.04
C SER B 423 10.90 35.32 8.12
N ARG B 424 11.12 34.74 6.97
CA ARG B 424 10.01 34.43 6.10
C ARG B 424 9.10 33.49 6.92
N ILE B 425 9.66 32.58 7.72
CA ILE B 425 8.79 31.62 8.43
C ILE B 425 7.87 32.29 9.49
N ALA B 426 8.39 33.26 10.23
CA ALA B 426 7.52 34.02 11.18
C ALA B 426 6.51 34.90 10.43
N GLU B 427 6.94 35.49 9.33
CA GLU B 427 6.05 36.27 8.46
C GLU B 427 4.90 35.42 7.87
N LEU B 428 5.22 34.23 7.36
CA LEU B 428 4.18 33.33 6.84
C LEU B 428 3.30 32.78 7.96
N ARG B 429 3.86 32.50 9.11
CA ARG B 429 3.03 32.02 10.22
C ARG B 429 2.04 33.12 10.64
N ALA B 430 2.46 34.38 10.68
CA ALA B 430 1.55 35.49 11.04
C ALA B 430 0.36 35.51 10.10
N LEU B 431 0.62 35.35 8.80
CA LEU B 431 -0.40 35.28 7.75
C LEU B 431 -1.34 34.10 7.93
N GLN B 432 -0.79 32.93 8.33
CA GLN B 432 -1.61 31.74 8.65
C GLN B 432 -2.58 32.04 9.81
N ASP B 433 -2.06 32.64 10.88
CA ASP B 433 -2.86 33.01 12.06
C ASP B 433 -3.98 34.01 11.70
N ALA B 434 -3.68 34.97 10.82
CA ALA B 434 -4.68 35.96 10.37
C ALA B 434 -5.76 35.31 9.53
N MET B 435 -5.38 34.33 8.72
CA MET B 435 -6.30 33.57 7.85
C MET B 435 -7.27 32.73 8.74
N LEU B 436 -6.72 32.20 9.85
CA LEU B 436 -7.47 31.37 10.81
C LEU B 436 -8.26 32.12 11.93
N GLY B 437 -8.06 33.45 12.05
CA GLY B 437 -8.58 34.24 13.19
C GLY B 437 -10.06 34.13 13.45
#